data_9LQ4
#
_entry.id   9LQ4
#
_cell.length_a   1.00
_cell.length_b   1.00
_cell.length_c   1.00
_cell.angle_alpha   90.00
_cell.angle_beta   90.00
_cell.angle_gamma   90.00
#
_symmetry.space_group_name_H-M   'P 1'
#
loop_
_entity.id
_entity.type
_entity.pdbx_description
1 polymer 'Isoform 3 of NACHT, LRR and PYD domains-containing protein 7'
2 polymer 'T-cell leukemia/lymphoma protein 1A'
#
loop_
_entity_poly.entity_id
_entity_poly.type
_entity_poly.pdbx_seq_one_letter_code
_entity_poly.pdbx_strand_id
1 'polypeptide(L)'
;MTSPQLEWTLQTLLEQLNEDELKSFKSLLWAFPLEDVLQKTPWSEVEEADGKKLAEILVNTSSENWIRNATVNILEEMNL
TELCKMAKAEMMEDGQVQEIDNPELGDAEEDSELAKPGEKEGWRNSMEKQSLVWKNTFWQGDIDNFHDDVTLRNQRFIPF
LNPRTPRKLTPYTVVLHGPAGVGKTTLAKKCMLDWTDCNLSPTLRYAFYLSCKELSRMGPCSFAELISKDWPELQDDIPS
ILAQAQRILFVVDGLDELKVPPGALIQDICGDWEKKKPVPVLLGSLLKRKMLPRAALLVTTRPRALRDLQLLAQQPIYVR
VEGFLEEDRRAYFLRHFGDEDQAMRAFELMRSNAALFQLGSAPAVCWIVCTTLKLQMEKGEDPVPTCLTRTGLFLRFLCS
RFPQGAQLRGALRTLSLLAAQGLWAQMSVFHREDLERLGVQESDLRLFLDGDILRQDRVSKGCYSFIHLSFQQFLTALFY
ALEKEEGEDRDGHAWDIGDVQKLLSGEERLKNPDLIQVGHFLFGLANEKRAKELEATFGCRMSPDIKQELLQCKAHLHAN
KPLSVTDLKEVLGCLYESQEEELAKVVVAPFKEISIHLTNTSEVMHCSFSLKHCQDLQKLSLQVAKGVFLENYMDFELDI
EFERCTYLTIPNWARQDLRSLRLWTDFCSLFSSNSNLKFLEVKQSFLSDSSVRILCDHVTRSTCHLQKVEIKNVTPDTAY
RDFCLAFIGKKTLTHLTLAGHIEWERTMMLMLCDLLRNHKCNLQYLRLGGHCATPEQWAEFFYVLKANQSLKHLRLSANV
LLDEGAMLLYKTMTRPKHFLQMLSLENCRLTEASCKDLAAVLVVSKKLTHLCLAKNPIGDTGVKFLCEGLSYPDCKLQTL
VLQQCSITKLGCRYLSEALQEACSLTNLDLSINQIARGLWILCQALENPNCNLKHLRLWSCSLMPFYCQHLGSALLSNQK
LETLDLGQNHLWKSGIIKLFGVLRQRTGSLKILRLKTYETNLEIKKLLEEVKEKNPKLTIDCNASGATAPPCCDFFC
;
A
2 'polypeptide(L)'
;EAVTDHPDRLWAWEKFVYLDEKQHAWLPLTIEIKDRLQLRVLLRREDVVLGRPMTPTQIGPSLLPIMWQLYPDGRYRSSD
SSFWRLVYHIKIDGVEDMLLELLPDD
;
F,G
#
# COMPACT_ATOMS: atom_id res chain seq x y z
N ILE A 143 -8.22 -33.39 -24.01
CA ILE A 143 -9.25 -34.33 -24.45
C ILE A 143 -10.44 -33.53 -24.98
N ASP A 144 -11.21 -34.15 -25.86
CA ASP A 144 -12.27 -33.46 -26.56
C ASP A 144 -13.30 -32.89 -25.57
N ASN A 145 -14.22 -32.10 -26.12
CA ASN A 145 -15.32 -31.49 -25.37
C ASN A 145 -14.85 -30.29 -24.54
N PHE A 146 -13.54 -30.05 -24.50
CA PHE A 146 -12.97 -28.90 -23.81
C PHE A 146 -12.34 -27.91 -24.77
N HIS A 147 -11.41 -28.38 -25.59
CA HIS A 147 -10.88 -27.55 -26.66
C HIS A 147 -12.01 -27.06 -27.57
N ASP A 148 -12.99 -27.91 -27.84
CA ASP A 148 -14.17 -27.49 -28.60
C ASP A 148 -14.93 -26.41 -27.85
N ASP A 149 -15.10 -26.56 -26.54
CA ASP A 149 -15.82 -25.56 -25.76
C ASP A 149 -15.13 -24.21 -25.85
N VAL A 150 -13.80 -24.19 -25.80
CA VAL A 150 -13.07 -22.93 -25.88
C VAL A 150 -13.16 -22.35 -27.29
N THR A 151 -12.96 -23.19 -28.30
CA THR A 151 -12.92 -22.70 -29.67
C THR A 151 -14.28 -22.18 -30.12
N LEU A 152 -15.37 -22.75 -29.60
CA LEU A 152 -16.68 -22.29 -30.02
C LEU A 152 -16.91 -20.83 -29.66
N ARG A 153 -16.51 -20.42 -28.46
CA ARG A 153 -16.66 -19.03 -28.07
C ARG A 153 -15.58 -18.16 -28.70
N ASN A 154 -14.38 -18.72 -28.90
CA ASN A 154 -13.33 -17.93 -29.54
C ASN A 154 -13.70 -17.54 -30.96
N GLN A 155 -14.32 -18.46 -31.71
CA GLN A 155 -14.54 -18.24 -33.13
C GLN A 155 -15.46 -17.05 -33.38
N ARG A 156 -16.30 -16.70 -32.40
CA ARG A 156 -17.34 -15.72 -32.66
C ARG A 156 -16.80 -14.29 -32.60
N PHE A 157 -15.63 -14.09 -32.00
CA PHE A 157 -15.07 -12.74 -31.90
C PHE A 157 -14.58 -12.24 -33.26
N ILE A 158 -14.48 -13.13 -34.25
CA ILE A 158 -13.90 -12.78 -35.55
C ILE A 158 -14.99 -12.15 -36.41
N PRO A 171 -12.68 -7.49 -48.39
CA PRO A 171 -11.52 -8.21 -47.86
C PRO A 171 -11.24 -7.90 -46.39
N TYR A 172 -11.14 -8.95 -45.57
CA TYR A 172 -10.91 -8.81 -44.14
C TYR A 172 -9.56 -9.43 -43.79
N THR A 173 -8.83 -8.77 -42.89
CA THR A 173 -7.54 -9.24 -42.40
C THR A 173 -7.66 -9.47 -40.90
N VAL A 174 -7.57 -10.73 -40.48
CA VAL A 174 -7.69 -11.11 -39.07
C VAL A 174 -6.36 -11.67 -38.61
N VAL A 175 -5.94 -11.26 -37.41
CA VAL A 175 -4.68 -11.71 -36.82
C VAL A 175 -5.00 -12.29 -35.45
N LEU A 176 -4.50 -13.49 -35.19
CA LEU A 176 -4.61 -14.13 -33.88
C LEU A 176 -3.25 -14.11 -33.19
N HIS A 177 -3.24 -13.72 -31.92
CA HIS A 177 -2.01 -13.69 -31.15
C HIS A 177 -2.28 -14.11 -29.72
N GLY A 178 -1.37 -14.89 -29.15
CA GLY A 178 -1.46 -15.32 -27.78
C GLY A 178 -0.24 -16.09 -27.33
N PRO A 179 -0.13 -16.36 -26.04
CA PRO A 179 1.01 -17.13 -25.53
C PRO A 179 1.02 -18.56 -26.06
N ALA A 180 2.20 -19.14 -26.10
CA ALA A 180 2.37 -20.48 -26.64
C ALA A 180 1.59 -21.49 -25.81
N GLY A 181 1.07 -22.51 -26.48
CA GLY A 181 0.33 -23.56 -25.83
C GLY A 181 -1.13 -23.27 -25.57
N VAL A 182 -1.61 -22.09 -25.96
CA VAL A 182 -3.01 -21.73 -25.72
C VAL A 182 -3.95 -22.29 -26.78
N GLY A 183 -3.42 -22.86 -27.87
CA GLY A 183 -4.26 -23.50 -28.85
C GLY A 183 -4.82 -22.58 -29.92
N LYS A 184 -3.95 -21.92 -30.69
CA LYS A 184 -4.39 -21.15 -31.84
C LYS A 184 -4.55 -22.04 -33.07
N THR A 185 -3.62 -22.99 -33.25
CA THR A 185 -3.71 -23.90 -34.38
C THR A 185 -4.97 -24.74 -34.32
N THR A 186 -5.35 -25.18 -33.13
CA THR A 186 -6.60 -25.92 -33.00
C THR A 186 -7.78 -25.06 -33.43
N LEU A 187 -7.75 -23.77 -33.08
CA LEU A 187 -8.83 -22.88 -33.49
C LEU A 187 -8.91 -22.76 -35.00
N ALA A 188 -7.77 -22.53 -35.65
CA ALA A 188 -7.78 -22.40 -37.11
C ALA A 188 -8.23 -23.71 -37.77
N LYS A 189 -7.75 -24.84 -37.28
CA LYS A 189 -8.16 -26.12 -37.86
C LYS A 189 -9.64 -26.37 -37.64
N LYS A 190 -10.18 -25.95 -36.50
CA LYS A 190 -11.61 -26.08 -36.26
C LYS A 190 -12.40 -25.23 -37.24
N CYS A 191 -11.93 -24.02 -37.52
CA CYS A 191 -12.60 -23.19 -38.52
C CYS A 191 -12.57 -23.86 -39.89
N MET A 192 -11.41 -24.40 -40.28
CA MET A 192 -11.32 -25.05 -41.59
C MET A 192 -12.23 -26.27 -41.66
N LEU A 193 -12.25 -27.08 -40.59
CA LEU A 193 -13.14 -28.25 -40.58
C LEU A 193 -14.59 -27.85 -40.67
N ASP A 194 -14.97 -26.77 -39.95
CA ASP A 194 -16.33 -26.27 -40.07
C ASP A 194 -16.64 -25.86 -41.50
N TRP A 195 -15.68 -25.25 -42.19
CA TRP A 195 -15.87 -24.94 -43.60
C TRP A 195 -16.12 -26.21 -44.40
N THR A 196 -15.31 -27.25 -44.15
CA THR A 196 -15.46 -28.49 -44.90
C THR A 196 -16.80 -29.15 -44.64
N ASP A 197 -17.24 -29.17 -43.37
CA ASP A 197 -18.47 -29.84 -42.98
C ASP A 197 -19.71 -29.02 -43.29
N CYS A 198 -19.56 -27.90 -44.01
CA CYS A 198 -20.67 -27.00 -44.34
C CYS A 198 -21.29 -26.38 -43.10
N ASN A 199 -20.62 -26.48 -41.95
CA ASN A 199 -21.13 -25.86 -40.73
C ASN A 199 -21.17 -24.34 -40.88
N LEU A 200 -20.14 -23.75 -41.48
CA LEU A 200 -20.08 -22.32 -41.67
C LEU A 200 -21.06 -21.89 -42.77
N SER A 201 -21.03 -20.61 -43.11
CA SER A 201 -21.90 -20.11 -44.16
C SER A 201 -21.52 -20.75 -45.50
N PRO A 202 -22.48 -20.99 -46.39
CA PRO A 202 -22.13 -21.58 -47.70
C PRO A 202 -21.25 -20.68 -48.55
N THR A 203 -21.14 -19.39 -48.22
CA THR A 203 -20.32 -18.49 -49.02
C THR A 203 -18.86 -18.95 -49.10
N LEU A 204 -18.39 -19.70 -48.11
CA LEU A 204 -17.03 -20.22 -48.11
C LEU A 204 -17.02 -21.50 -48.95
N ARG A 205 -16.59 -21.37 -50.20
CA ARG A 205 -16.55 -22.51 -51.12
C ARG A 205 -15.18 -23.14 -51.23
N TYR A 206 -14.12 -22.42 -50.89
CA TYR A 206 -12.76 -22.93 -51.00
C TYR A 206 -11.90 -22.32 -49.90
N ALA A 207 -10.96 -23.11 -49.39
CA ALA A 207 -10.03 -22.68 -48.36
C ALA A 207 -8.69 -23.37 -48.58
N PHE A 208 -7.61 -22.68 -48.23
CA PHE A 208 -6.26 -23.17 -48.44
C PHE A 208 -5.45 -23.05 -47.17
N TYR A 209 -4.60 -24.04 -46.91
CA TYR A 209 -3.80 -24.11 -45.70
C TYR A 209 -2.32 -23.90 -46.05
N LEU A 210 -1.70 -22.92 -45.41
CA LEU A 210 -0.29 -22.61 -45.61
C LEU A 210 0.38 -22.58 -44.24
N SER A 211 1.52 -23.27 -44.12
CA SER A 211 2.24 -23.39 -42.86
C SER A 211 3.69 -22.94 -43.08
N CYS A 212 4.12 -21.95 -42.31
CA CYS A 212 5.52 -21.55 -42.36
C CYS A 212 6.43 -22.66 -41.85
N LYS A 213 5.86 -23.62 -41.12
CA LYS A 213 6.65 -24.74 -40.61
C LYS A 213 7.27 -25.55 -41.74
N GLU A 214 6.59 -25.61 -42.88
CA GLU A 214 7.04 -26.38 -44.04
C GLU A 214 7.48 -25.50 -45.19
N LEU A 215 6.80 -24.38 -45.42
CA LEU A 215 7.08 -23.54 -46.58
C LEU A 215 8.41 -22.81 -46.49
N SER A 216 9.07 -22.84 -45.32
CA SER A 216 10.33 -22.11 -45.17
C SER A 216 11.46 -22.71 -45.99
N ARG A 217 11.28 -23.91 -46.55
CA ARG A 217 12.35 -24.61 -47.23
C ARG A 217 12.13 -24.80 -48.73
N MET A 218 10.89 -24.91 -49.17
CA MET A 218 10.62 -25.22 -50.57
C MET A 218 11.07 -24.06 -51.47
N GLY A 219 11.59 -24.41 -52.64
CA GLY A 219 12.21 -23.44 -53.51
C GLY A 219 11.21 -22.65 -54.33
N PRO A 220 11.74 -21.75 -55.17
CA PRO A 220 10.85 -20.88 -55.96
C PRO A 220 9.91 -21.68 -56.84
N CYS A 221 8.70 -21.16 -57.01
CA CYS A 221 7.69 -21.76 -57.87
C CYS A 221 6.53 -20.77 -57.98
N SER A 222 5.48 -21.19 -58.66
CA SER A 222 4.28 -20.37 -58.83
C SER A 222 3.31 -20.61 -57.69
N PHE A 223 2.53 -19.57 -57.37
CA PHE A 223 1.58 -19.69 -56.27
C PHE A 223 0.54 -20.77 -56.53
N ALA A 224 0.07 -20.87 -57.78
CA ALA A 224 -0.89 -21.92 -58.12
C ALA A 224 -0.30 -23.30 -57.86
N GLU A 225 0.94 -23.52 -58.29
CA GLU A 225 1.62 -24.78 -57.98
C GLU A 225 1.84 -24.92 -56.48
N LEU A 226 2.21 -23.83 -55.82
CA LEU A 226 2.47 -23.87 -54.38
C LEU A 226 1.26 -24.40 -53.62
N ILE A 227 0.09 -23.83 -53.89
CA ILE A 227 -1.11 -24.21 -53.14
C ILE A 227 -1.67 -25.55 -53.60
N SER A 228 -1.36 -25.98 -54.82
CA SER A 228 -1.83 -27.25 -55.34
C SER A 228 -0.84 -28.39 -55.12
N LYS A 229 0.27 -28.14 -54.43
CA LYS A 229 1.25 -29.18 -54.20
C LYS A 229 0.65 -30.34 -53.42
N ASP A 230 -0.13 -30.05 -52.39
CA ASP A 230 -0.72 -31.08 -51.55
C ASP A 230 -2.00 -31.66 -52.13
N TRP A 231 -2.58 -31.02 -53.14
CA TRP A 231 -3.79 -31.51 -53.80
C TRP A 231 -3.59 -31.48 -55.31
N PRO A 232 -2.81 -32.43 -55.84
CA PRO A 232 -2.53 -32.40 -57.29
C PRO A 232 -3.78 -32.42 -58.16
N GLU A 233 -4.82 -33.13 -57.74
CA GLU A 233 -6.02 -33.25 -58.55
C GLU A 233 -6.68 -31.90 -58.79
N LEU A 234 -6.45 -30.92 -57.93
CA LEU A 234 -7.14 -29.64 -58.02
C LEU A 234 -6.48 -28.67 -58.99
N GLN A 235 -5.27 -28.96 -59.47
CA GLN A 235 -4.57 -28.01 -60.34
C GLN A 235 -5.38 -27.71 -61.59
N ASP A 236 -6.11 -28.70 -62.11
CA ASP A 236 -6.98 -28.45 -63.25
C ASP A 236 -8.09 -27.46 -62.91
N ASP A 237 -8.51 -27.43 -61.64
CA ASP A 237 -9.55 -26.51 -61.19
C ASP A 237 -9.01 -25.28 -60.49
N ILE A 238 -7.69 -25.15 -60.36
CA ILE A 238 -7.13 -23.97 -59.69
C ILE A 238 -7.54 -22.69 -60.38
N PRO A 239 -7.45 -22.56 -61.71
CA PRO A 239 -7.94 -21.32 -62.34
C PRO A 239 -9.41 -21.05 -62.05
N SER A 240 -10.25 -22.08 -62.11
CA SER A 240 -11.67 -21.89 -61.83
C SER A 240 -11.89 -21.50 -60.38
N ILE A 241 -11.15 -22.11 -59.46
CA ILE A 241 -11.27 -21.76 -58.05
C ILE A 241 -10.87 -20.31 -57.82
N LEU A 242 -9.76 -19.88 -58.43
CA LEU A 242 -9.26 -18.53 -58.22
C LEU A 242 -10.04 -17.50 -59.04
N ALA A 243 -10.91 -17.93 -59.95
CA ALA A 243 -11.82 -16.99 -60.59
C ALA A 243 -12.92 -16.51 -59.64
N GLN A 244 -13.01 -17.11 -58.45
CA GLN A 244 -14.01 -16.77 -57.45
C GLN A 244 -13.34 -16.31 -56.15
N ALA A 245 -12.37 -15.40 -56.28
CA ALA A 245 -11.55 -14.97 -55.15
C ALA A 245 -12.37 -14.59 -53.92
N GLN A 246 -13.60 -14.12 -54.14
CA GLN A 246 -14.45 -13.73 -53.01
C GLN A 246 -14.95 -14.93 -52.21
N ARG A 247 -14.75 -16.15 -52.70
CA ARG A 247 -15.18 -17.36 -52.00
C ARG A 247 -14.00 -18.20 -51.54
N ILE A 248 -12.86 -17.58 -51.24
CA ILE A 248 -11.65 -18.28 -50.85
C ILE A 248 -11.22 -17.78 -49.48
N LEU A 249 -10.71 -18.69 -48.64
CA LEU A 249 -10.20 -18.37 -47.32
C LEU A 249 -8.76 -18.86 -47.20
N PHE A 250 -7.88 -17.99 -46.74
CA PHE A 250 -6.47 -18.31 -46.58
C PHE A 250 -6.10 -18.23 -45.10
N VAL A 251 -5.29 -19.19 -44.65
CA VAL A 251 -4.83 -19.24 -43.26
C VAL A 251 -3.32 -19.40 -43.27
N VAL A 252 -2.63 -18.54 -42.54
CA VAL A 252 -1.18 -18.63 -42.36
C VAL A 252 -0.94 -18.96 -40.90
N ASP A 253 -0.30 -20.10 -40.64
CA ASP A 253 -0.12 -20.62 -39.29
C ASP A 253 1.35 -20.54 -38.90
N GLY A 254 1.62 -19.92 -37.76
CA GLY A 254 2.97 -19.86 -37.23
C GLY A 254 3.88 -18.95 -38.02
N LEU A 255 3.54 -17.66 -38.07
CA LEU A 255 4.40 -16.70 -38.75
C LEU A 255 5.77 -16.61 -38.09
N ASP A 256 5.79 -16.58 -36.75
CA ASP A 256 7.06 -16.41 -36.04
C ASP A 256 8.03 -17.55 -36.34
N GLU A 257 7.52 -18.74 -36.65
CA GLU A 257 8.37 -19.88 -36.94
C GLU A 257 8.97 -19.84 -38.33
N LEU A 258 8.56 -18.91 -39.18
CA LEU A 258 9.08 -18.80 -40.54
C LEU A 258 10.60 -18.71 -40.54
N GLY A 271 1.64 -11.02 -58.53
CA GLY A 271 0.21 -10.85 -58.65
C GLY A 271 -0.47 -12.01 -59.36
N ASP A 272 0.23 -12.61 -60.32
CA ASP A 272 -0.28 -13.75 -61.06
C ASP A 272 0.04 -15.02 -60.31
N TRP A 273 -1.00 -15.80 -60.00
CA TRP A 273 -0.81 -17.06 -59.29
C TRP A 273 -0.02 -18.07 -60.11
N GLU A 274 0.08 -17.87 -61.43
CA GLU A 274 0.83 -18.77 -62.29
C GLU A 274 2.21 -18.24 -62.67
N LYS A 275 2.69 -17.20 -61.98
CA LYS A 275 4.03 -16.69 -62.20
C LYS A 275 4.97 -17.23 -61.13
N LYS A 276 6.07 -17.82 -61.57
CA LYS A 276 7.03 -18.40 -60.63
C LYS A 276 7.80 -17.30 -59.92
N LYS A 277 7.87 -17.39 -58.60
CA LYS A 277 8.56 -16.38 -57.79
C LYS A 277 9.04 -17.04 -56.51
N PRO A 278 9.97 -16.41 -55.79
CA PRO A 278 10.45 -16.99 -54.52
C PRO A 278 9.33 -17.03 -53.48
N VAL A 279 9.42 -18.01 -52.58
CA VAL A 279 8.40 -18.17 -51.55
C VAL A 279 8.28 -16.93 -50.68
N PRO A 280 9.37 -16.34 -50.18
CA PRO A 280 9.22 -15.11 -49.39
C PRO A 280 8.50 -14.00 -50.14
N VAL A 281 8.81 -13.85 -51.44
CA VAL A 281 8.14 -12.82 -52.24
C VAL A 281 6.65 -13.11 -52.34
N LEU A 282 6.30 -14.37 -52.59
CA LEU A 282 4.88 -14.73 -52.69
C LEU A 282 4.16 -14.45 -51.39
N LEU A 283 4.77 -14.83 -50.26
CA LEU A 283 4.13 -14.62 -48.96
C LEU A 283 3.98 -13.14 -48.66
N GLY A 284 5.00 -12.34 -48.97
CA GLY A 284 4.89 -10.90 -48.76
C GLY A 284 3.81 -10.29 -49.63
N SER A 285 3.74 -10.72 -50.90
CA SER A 285 2.72 -10.19 -51.79
C SER A 285 1.31 -10.54 -51.31
N LEU A 286 1.10 -11.80 -50.92
CA LEU A 286 -0.23 -12.19 -50.43
C LEU A 286 -0.58 -11.45 -49.16
N LEU A 287 0.37 -11.35 -48.23
CA LEU A 287 0.12 -10.57 -47.01
C LEU A 287 -0.17 -9.12 -47.33
N LYS A 288 0.40 -8.61 -48.42
CA LYS A 288 0.15 -7.25 -48.86
C LYS A 288 -1.09 -7.15 -49.76
N ARG A 289 -1.74 -8.28 -50.04
CA ARG A 289 -2.93 -8.36 -50.90
C ARG A 289 -2.62 -8.04 -52.36
N LYS A 290 -1.38 -8.24 -52.79
CA LYS A 290 -1.03 -7.98 -54.18
C LYS A 290 -1.57 -9.06 -55.11
N MET A 291 -1.90 -10.22 -54.57
CA MET A 291 -2.45 -11.34 -55.33
C MET A 291 -3.72 -11.83 -54.64
N LEU A 292 -4.78 -12.01 -55.42
CA LEU A 292 -6.09 -12.40 -54.89
C LEU A 292 -6.51 -11.44 -53.78
N PRO A 293 -6.62 -10.14 -54.08
CA PRO A 293 -6.87 -9.15 -53.02
C PRO A 293 -8.16 -9.40 -52.24
N ARG A 294 -9.19 -9.93 -52.89
CA ARG A 294 -10.51 -10.02 -52.26
C ARG A 294 -10.74 -11.34 -51.53
N ALA A 295 -9.68 -12.03 -51.12
CA ALA A 295 -9.83 -13.23 -50.31
C ALA A 295 -9.82 -12.88 -48.83
N ALA A 296 -9.94 -13.91 -47.99
CA ALA A 296 -9.92 -13.73 -46.54
C ALA A 296 -8.67 -14.34 -45.94
N LEU A 297 -8.03 -13.60 -45.05
CA LEU A 297 -6.77 -13.99 -44.44
C LEU A 297 -6.97 -14.22 -42.94
N LEU A 298 -6.17 -15.14 -42.39
CA LEU A 298 -6.19 -15.45 -40.97
C LEU A 298 -4.79 -15.87 -40.56
N VAL A 299 -4.20 -15.15 -39.60
CA VAL A 299 -2.79 -15.30 -39.25
C VAL A 299 -2.70 -15.66 -37.77
N THR A 300 -1.79 -16.58 -37.46
CA THR A 300 -1.51 -16.99 -36.09
C THR A 300 -0.03 -16.77 -35.80
N THR A 301 0.26 -16.05 -34.73
CA THR A 301 1.64 -15.74 -34.37
C THR A 301 1.72 -15.40 -32.89
N ARG A 302 2.92 -15.52 -32.34
CA ARG A 302 3.17 -15.11 -30.97
C ARG A 302 3.38 -13.60 -30.91
N PRO A 303 3.19 -12.99 -29.74
CA PRO A 303 3.34 -11.53 -29.65
C PRO A 303 4.73 -11.04 -30.00
N ARG A 304 5.73 -11.92 -29.98
CA ARG A 304 7.09 -11.49 -30.27
C ARG A 304 7.23 -11.01 -31.70
N ALA A 305 6.61 -11.71 -32.65
CA ALA A 305 6.74 -11.42 -34.07
C ALA A 305 5.64 -10.53 -34.61
N LEU A 306 4.82 -9.94 -33.73
CA LEU A 306 3.70 -9.11 -34.18
C LEU A 306 4.16 -7.83 -34.87
N ARG A 307 5.44 -7.47 -34.76
CA ARG A 307 5.89 -6.19 -35.28
C ARG A 307 5.77 -6.12 -36.80
N ASP A 308 6.19 -7.17 -37.50
CA ASP A 308 6.27 -7.09 -38.96
C ASP A 308 4.90 -6.93 -39.59
N LEU A 309 3.88 -7.61 -39.03
CA LEU A 309 2.54 -7.51 -39.61
C LEU A 309 2.05 -6.07 -39.63
N GLN A 310 2.55 -5.23 -38.73
CA GLN A 310 2.18 -3.81 -38.77
C GLN A 310 2.71 -3.14 -40.03
N LEU A 311 3.95 -3.43 -40.43
CA LEU A 311 4.50 -2.87 -41.65
C LEU A 311 3.95 -3.54 -42.91
N LEU A 312 3.46 -4.77 -42.81
CA LEU A 312 2.95 -5.51 -43.96
C LEU A 312 1.46 -5.34 -44.16
N ALA A 313 0.64 -5.60 -43.14
CA ALA A 313 -0.80 -5.61 -43.29
C ALA A 313 -1.35 -4.19 -43.45
N GLN A 314 -2.54 -4.11 -44.06
CA GLN A 314 -3.26 -2.86 -44.25
C GLN A 314 -4.58 -2.91 -43.51
N GLN A 315 -4.74 -2.07 -42.49
CA GLN A 315 -5.95 -1.98 -41.71
C GLN A 315 -6.43 -3.35 -41.21
N PRO A 316 -5.60 -4.08 -40.48
CA PRO A 316 -6.02 -5.38 -39.94
C PRO A 316 -6.82 -5.23 -38.66
N ILE A 317 -7.31 -6.36 -38.17
CA ILE A 317 -7.99 -6.45 -36.89
C ILE A 317 -7.31 -7.53 -36.06
N TYR A 318 -7.13 -7.27 -34.77
CA TYR A 318 -6.41 -8.16 -33.88
C TYR A 318 -7.38 -8.87 -32.95
N VAL A 319 -7.18 -10.17 -32.76
CA VAL A 319 -8.00 -10.98 -31.88
C VAL A 319 -7.06 -11.75 -30.95
N ARG A 320 -7.44 -11.83 -29.67
CA ARG A 320 -6.61 -12.44 -28.64
C ARG A 320 -7.26 -13.71 -28.13
N VAL A 321 -6.45 -14.73 -27.86
CA VAL A 321 -6.91 -15.99 -27.29
C VAL A 321 -6.46 -16.05 -25.84
N GLU A 322 -7.13 -16.89 -25.05
CA GLU A 322 -6.84 -16.99 -23.63
C GLU A 322 -6.62 -18.41 -23.14
N GLY A 323 -7.34 -19.40 -23.64
CA GLY A 323 -7.15 -20.77 -23.22
C GLY A 323 -7.99 -21.15 -22.02
N PHE A 324 -7.59 -22.25 -21.38
CA PHE A 324 -8.36 -22.81 -20.28
C PHE A 324 -8.63 -21.76 -19.20
N LEU A 325 -9.61 -22.06 -18.35
CA LEU A 325 -9.92 -21.29 -17.17
C LEU A 325 -9.88 -22.21 -15.94
N GLU A 326 -10.25 -21.66 -14.79
CA GLU A 326 -10.26 -22.45 -13.57
C GLU A 326 -11.20 -23.63 -13.68
N GLU A 327 -12.39 -23.42 -14.24
CA GLU A 327 -13.36 -24.50 -14.34
C GLU A 327 -12.84 -25.59 -15.26
N ASP A 328 -12.25 -25.21 -16.38
CA ASP A 328 -11.73 -26.21 -17.30
C ASP A 328 -10.53 -26.94 -16.70
N ARG A 329 -9.72 -26.26 -15.91
CA ARG A 329 -8.64 -26.95 -15.19
C ARG A 329 -9.21 -27.99 -14.25
N ARG A 330 -10.24 -27.62 -13.48
CA ARG A 330 -10.85 -28.60 -12.59
C ARG A 330 -11.42 -29.77 -13.38
N ALA A 331 -12.05 -29.50 -14.51
CA ALA A 331 -12.61 -30.57 -15.34
C ALA A 331 -11.51 -31.48 -15.85
N TYR A 332 -10.40 -30.92 -16.31
CA TYR A 332 -9.31 -31.75 -16.80
C TYR A 332 -8.75 -32.63 -15.68
N PHE A 333 -8.62 -32.07 -14.48
CA PHE A 333 -8.13 -32.86 -13.36
C PHE A 333 -9.11 -33.99 -13.05
N LEU A 334 -10.41 -33.70 -13.06
CA LEU A 334 -11.40 -34.74 -12.81
C LEU A 334 -11.32 -35.85 -13.85
N ARG A 335 -11.16 -35.47 -15.12
CA ARG A 335 -11.03 -36.46 -16.18
C ARG A 335 -9.80 -37.34 -15.97
N HIS A 336 -8.66 -36.71 -15.70
CA HIS A 336 -7.42 -37.47 -15.62
C HIS A 336 -7.42 -38.40 -14.41
N PHE A 337 -7.75 -37.87 -13.23
CA PHE A 337 -7.68 -38.68 -12.02
C PHE A 337 -8.82 -39.70 -11.97
N GLY A 338 -10.04 -39.31 -12.32
CA GLY A 338 -11.17 -40.20 -12.26
C GLY A 338 -11.84 -40.22 -10.90
N ASP A 339 -11.06 -40.51 -9.86
CA ASP A 339 -11.56 -40.50 -8.49
C ASP A 339 -11.73 -39.06 -8.03
N GLU A 340 -12.90 -38.75 -7.46
CA GLU A 340 -13.17 -37.39 -7.03
C GLU A 340 -12.20 -36.92 -5.95
N ASP A 341 -11.95 -37.79 -4.97
CA ASP A 341 -11.07 -37.41 -3.86
C ASP A 341 -9.66 -37.07 -4.36
N GLN A 342 -9.09 -37.97 -5.16
CA GLN A 342 -7.74 -37.73 -5.67
C GLN A 342 -7.70 -36.48 -6.52
N ALA A 343 -8.67 -36.32 -7.42
CA ALA A 343 -8.67 -35.18 -8.32
C ALA A 343 -8.75 -33.88 -7.55
N MET A 344 -9.63 -33.80 -6.55
CA MET A 344 -9.81 -32.56 -5.80
C MET A 344 -8.62 -32.29 -4.90
N ARG A 345 -8.05 -33.33 -4.29
CA ARG A 345 -6.85 -33.14 -3.49
C ARG A 345 -5.72 -32.56 -4.34
N ALA A 346 -5.48 -33.15 -5.51
CA ALA A 346 -4.43 -32.65 -6.39
C ALA A 346 -4.72 -31.23 -6.84
N PHE A 347 -5.98 -30.94 -7.20
CA PHE A 347 -6.30 -29.61 -7.67
C PHE A 347 -6.07 -28.58 -6.58
N GLU A 348 -6.44 -28.90 -5.34
CA GLU A 348 -6.21 -27.98 -4.24
C GLU A 348 -4.72 -27.75 -4.04
N LEU A 349 -3.94 -28.83 -4.00
CA LEU A 349 -2.50 -28.69 -3.79
C LEU A 349 -1.87 -27.83 -4.88
N MET A 350 -2.31 -27.99 -6.11
CA MET A 350 -1.77 -27.16 -7.19
C MET A 350 -2.19 -25.71 -7.01
N ARG A 351 -3.49 -25.45 -6.80
CA ARG A 351 -3.95 -24.08 -6.72
C ARG A 351 -3.34 -23.33 -5.55
N SER A 352 -2.81 -24.04 -4.55
CA SER A 352 -2.20 -23.34 -3.43
C SER A 352 -1.03 -22.47 -3.89
N ASN A 353 -0.47 -22.74 -5.06
CA ASN A 353 0.68 -22.01 -5.60
C ASN A 353 0.22 -21.14 -6.77
N ALA A 354 0.19 -19.82 -6.56
CA ALA A 354 -0.37 -18.93 -7.57
C ALA A 354 0.46 -18.96 -8.85
N ALA A 355 1.79 -18.91 -8.72
CA ALA A 355 2.64 -18.84 -9.90
C ALA A 355 2.50 -20.09 -10.77
N LEU A 356 2.48 -21.27 -10.15
CA LEU A 356 2.26 -22.49 -10.90
C LEU A 356 0.85 -22.58 -11.44
N PHE A 357 -0.12 -22.03 -10.71
CA PHE A 357 -1.51 -22.06 -11.18
C PHE A 357 -1.66 -21.26 -12.46
N GLN A 358 -1.03 -20.08 -12.54
CA GLN A 358 -1.17 -19.26 -13.73
C GLN A 358 -0.67 -19.99 -14.98
N LEU A 359 0.48 -20.66 -14.87
CA LEU A 359 1.00 -21.42 -15.99
C LEU A 359 0.17 -22.66 -16.30
N GLY A 360 -0.92 -22.88 -15.56
CA GLY A 360 -1.78 -24.03 -15.82
C GLY A 360 -2.78 -23.82 -16.93
N SER A 361 -2.85 -22.62 -17.51
CA SER A 361 -3.77 -22.40 -18.61
C SER A 361 -3.42 -23.28 -19.80
N ALA A 362 -2.15 -23.42 -20.11
CA ALA A 362 -1.74 -24.30 -21.19
C ALA A 362 -2.08 -25.75 -20.82
N PRO A 363 -2.74 -26.50 -21.69
CA PRO A 363 -3.06 -27.89 -21.33
C PRO A 363 -1.86 -28.75 -21.00
N ALA A 364 -0.73 -28.52 -21.66
CA ALA A 364 0.43 -29.39 -21.44
C ALA A 364 0.92 -29.30 -19.99
N VAL A 365 0.91 -28.10 -19.42
CA VAL A 365 1.37 -27.93 -18.05
C VAL A 365 0.47 -28.71 -17.08
N CYS A 366 -0.84 -28.65 -17.32
CA CYS A 366 -1.77 -29.43 -16.50
C CYS A 366 -1.53 -30.93 -16.69
N TRP A 367 -1.20 -31.34 -17.91
CA TRP A 367 -0.85 -32.73 -18.14
C TRP A 367 0.34 -33.15 -17.29
N ILE A 368 1.38 -32.31 -17.27
CA ILE A 368 2.59 -32.63 -16.50
C ILE A 368 2.25 -32.72 -15.02
N VAL A 369 1.51 -31.73 -14.51
CA VAL A 369 1.19 -31.71 -13.08
C VAL A 369 0.39 -32.94 -12.70
N CYS A 370 -0.64 -33.27 -13.50
CA CYS A 370 -1.48 -34.42 -13.18
C CYS A 370 -0.66 -35.70 -13.21
N THR A 371 0.16 -35.89 -14.24
CA THR A 371 0.95 -37.11 -14.31
C THR A 371 1.87 -37.24 -13.10
N THR A 372 2.59 -36.16 -12.77
CA THR A 372 3.53 -36.23 -11.66
C THR A 372 2.82 -36.53 -10.35
N LEU A 373 1.76 -35.77 -10.04
CA LEU A 373 1.08 -35.95 -8.77
C LEU A 373 0.45 -37.34 -8.67
N LYS A 374 -0.14 -37.82 -9.77
CA LYS A 374 -0.74 -39.15 -9.75
C LYS A 374 0.32 -40.22 -9.52
N LEU A 375 1.47 -40.10 -10.19
CA LEU A 375 2.54 -41.07 -9.98
C LEU A 375 3.00 -41.07 -8.52
N GLN A 376 3.15 -39.87 -7.94
CA GLN A 376 3.58 -39.80 -6.55
C GLN A 376 2.52 -40.40 -5.62
N MET A 377 1.24 -40.14 -5.89
CA MET A 377 0.18 -40.66 -5.04
C MET A 377 0.11 -42.18 -5.11
N GLU A 378 0.24 -42.74 -6.31
CA GLU A 378 0.17 -44.20 -6.43
C GLU A 378 1.31 -44.88 -5.70
N LYS A 379 2.43 -44.17 -5.49
CA LYS A 379 3.56 -44.71 -4.75
C LYS A 379 3.52 -44.39 -3.27
N GLY A 380 2.47 -43.71 -2.80
CA GLY A 380 2.37 -43.37 -1.40
C GLY A 380 3.41 -42.39 -0.90
N GLU A 381 3.66 -41.32 -1.65
CA GLU A 381 4.62 -40.30 -1.26
C GLU A 381 3.92 -39.00 -0.93
N ASP A 382 4.60 -38.16 -0.13
CA ASP A 382 4.05 -36.88 0.28
C ASP A 382 4.16 -35.89 -0.88
N PRO A 383 3.05 -35.29 -1.32
CA PRO A 383 3.12 -34.33 -2.43
C PRO A 383 3.30 -32.88 -2.01
N VAL A 384 3.25 -32.56 -0.72
CA VAL A 384 3.32 -31.16 -0.31
C VAL A 384 4.62 -30.50 -0.77
N PRO A 385 5.79 -31.07 -0.54
CA PRO A 385 7.03 -30.41 -1.01
C PRO A 385 7.09 -30.27 -2.52
N THR A 386 6.43 -31.16 -3.26
CA THR A 386 6.53 -31.14 -4.72
C THR A 386 6.00 -29.84 -5.30
N CYS A 387 4.87 -29.37 -4.82
CA CYS A 387 4.20 -28.20 -5.38
C CYS A 387 4.63 -26.90 -4.72
N LEU A 388 5.62 -26.96 -3.83
CA LEU A 388 6.04 -25.74 -3.14
C LEU A 388 6.60 -24.71 -4.11
N THR A 389 7.37 -25.16 -5.10
CA THR A 389 7.94 -24.27 -6.10
C THR A 389 8.03 -25.02 -7.43
N ARG A 390 8.05 -24.25 -8.52
CA ARG A 390 8.06 -24.86 -9.84
C ARG A 390 9.22 -25.84 -10.00
N THR A 391 10.42 -25.39 -9.65
CA THR A 391 11.61 -26.17 -9.97
C THR A 391 11.54 -27.56 -9.37
N GLY A 392 11.02 -27.68 -8.14
CA GLY A 392 10.88 -29.00 -7.56
C GLY A 392 10.00 -29.91 -8.39
N LEU A 393 8.86 -29.38 -8.85
CA LEU A 393 7.95 -30.19 -9.64
C LEU A 393 8.59 -30.65 -10.94
N PHE A 394 9.14 -29.71 -11.70
CA PHE A 394 9.73 -30.10 -12.98
C PHE A 394 10.90 -31.04 -12.77
N LEU A 395 11.71 -30.80 -11.75
CA LEU A 395 12.84 -31.68 -11.48
C LEU A 395 12.38 -33.09 -11.17
N ARG A 396 11.32 -33.23 -10.37
CA ARG A 396 10.82 -34.57 -10.07
C ARG A 396 10.31 -35.25 -11.33
N PHE A 397 9.56 -34.53 -12.15
CA PHE A 397 9.04 -35.15 -13.38
C PHE A 397 10.19 -35.60 -14.28
N LEU A 398 11.19 -34.75 -14.45
CA LEU A 398 12.32 -35.13 -15.31
C LEU A 398 13.05 -36.34 -14.75
N CYS A 399 13.24 -36.39 -13.44
CA CYS A 399 13.86 -37.56 -12.83
C CYS A 399 13.01 -38.81 -13.02
N SER A 400 11.70 -38.66 -13.20
CA SER A 400 10.80 -39.80 -13.32
C SER A 400 10.47 -40.14 -14.77
N ARG A 401 11.37 -39.88 -15.72
CA ARG A 401 11.10 -40.16 -17.12
C ARG A 401 12.29 -40.80 -17.84
N PHE A 402 13.21 -41.43 -17.12
CA PHE A 402 14.32 -42.14 -17.75
C PHE A 402 14.58 -43.41 -16.96
N PRO A 403 15.12 -44.44 -17.62
CA PRO A 403 15.32 -45.72 -16.94
C PRO A 403 16.36 -45.63 -15.83
N GLN A 404 16.20 -46.52 -14.83
CA GLN A 404 17.13 -46.55 -13.71
C GLN A 404 18.42 -47.25 -14.08
N GLY A 405 19.51 -46.81 -13.45
CA GLY A 405 20.81 -47.45 -13.58
C GLY A 405 21.57 -47.12 -14.84
N ALA A 406 20.96 -46.42 -15.79
CA ALA A 406 21.66 -46.11 -17.04
C ALA A 406 22.73 -45.05 -16.81
N GLN A 407 22.44 -44.03 -16.01
CA GLN A 407 23.34 -42.90 -15.82
C GLN A 407 23.71 -42.28 -17.17
N LEU A 408 22.67 -41.80 -17.87
CA LEU A 408 22.82 -41.21 -19.20
C LEU A 408 23.33 -39.78 -19.10
N ARG A 409 24.59 -39.65 -18.67
CA ARG A 409 25.20 -38.33 -18.59
C ARG A 409 25.27 -37.67 -19.96
N GLY A 410 25.77 -38.40 -20.95
CA GLY A 410 25.90 -37.82 -22.28
C GLY A 410 24.58 -37.37 -22.86
N ALA A 411 23.54 -38.19 -22.71
CA ALA A 411 22.24 -37.82 -23.23
C ALA A 411 21.73 -36.55 -22.55
N LEU A 412 21.92 -36.44 -21.24
CA LEU A 412 21.44 -35.25 -20.54
C LEU A 412 22.19 -34.00 -21.00
N ARG A 413 23.51 -34.10 -21.16
CA ARG A 413 24.27 -32.97 -21.69
C ARG A 413 23.78 -32.59 -23.08
N THR A 414 23.55 -33.59 -23.94
CA THR A 414 23.08 -33.32 -25.30
C THR A 414 21.74 -32.60 -25.27
N LEU A 415 20.81 -33.09 -24.46
CA LEU A 415 19.50 -32.47 -24.40
C LEU A 415 19.59 -31.04 -23.89
N SER A 416 20.41 -30.81 -22.87
CA SER A 416 20.56 -29.45 -22.35
C SER A 416 21.09 -28.52 -23.43
N LEU A 417 22.13 -28.96 -24.15
CA LEU A 417 22.71 -28.11 -25.20
C LEU A 417 21.69 -27.83 -26.30
N LEU A 418 20.94 -28.85 -26.70
CA LEU A 418 19.94 -28.65 -27.75
C LEU A 418 18.88 -27.65 -27.33
N ALA A 419 18.38 -27.77 -26.10
CA ALA A 419 17.39 -26.82 -25.63
C ALA A 419 17.95 -25.41 -25.58
N ALA A 420 19.21 -25.28 -25.12
CA ALA A 420 19.82 -23.96 -25.05
C ALA A 420 19.90 -23.33 -26.43
N GLN A 421 20.42 -24.09 -27.41
CA GLN A 421 20.50 -23.57 -28.76
C GLN A 421 19.13 -23.13 -29.25
N GLY A 422 18.12 -23.99 -29.06
CA GLY A 422 16.79 -23.65 -29.53
C GLY A 422 16.28 -22.36 -28.92
N LEU A 423 16.49 -22.18 -27.61
CA LEU A 423 15.97 -20.97 -26.96
C LEU A 423 16.70 -19.73 -27.44
N TRP A 424 18.03 -19.82 -27.60
CA TRP A 424 18.77 -18.63 -28.02
C TRP A 424 18.37 -18.18 -29.41
N ALA A 425 18.15 -19.13 -30.33
CA ALA A 425 17.85 -18.82 -31.72
C ALA A 425 16.39 -18.48 -31.96
N GLN A 426 15.52 -18.63 -30.96
CA GLN A 426 14.11 -18.26 -31.06
C GLN A 426 13.33 -19.20 -31.97
N MET A 427 13.79 -20.45 -32.12
CA MET A 427 13.13 -21.42 -32.98
C MET A 427 12.37 -22.42 -32.12
N SER A 428 11.17 -22.80 -32.56
CA SER A 428 10.31 -23.71 -31.82
C SER A 428 10.21 -25.10 -32.44
N VAL A 429 10.67 -25.28 -33.67
CA VAL A 429 10.59 -26.57 -34.35
C VAL A 429 11.98 -26.91 -34.89
N PHE A 430 12.25 -28.22 -34.96
CA PHE A 430 13.51 -28.71 -35.49
C PHE A 430 13.24 -29.87 -36.43
N HIS A 431 14.01 -29.92 -37.52
CA HIS A 431 13.93 -30.99 -38.49
C HIS A 431 15.03 -32.01 -38.23
N ARG A 432 14.90 -33.18 -38.88
CA ARG A 432 15.91 -34.22 -38.73
C ARG A 432 17.30 -33.68 -39.04
N GLU A 433 17.40 -32.79 -40.03
CA GLU A 433 18.70 -32.22 -40.37
C GLU A 433 19.30 -31.44 -39.21
N ASP A 434 18.46 -30.66 -38.51
CA ASP A 434 18.97 -29.90 -37.38
C ASP A 434 19.50 -30.82 -36.28
N LEU A 435 18.76 -31.89 -35.96
CA LEU A 435 19.23 -32.83 -34.96
C LEU A 435 20.53 -33.49 -35.41
N GLU A 436 20.64 -33.81 -36.70
CA GLU A 436 21.88 -34.39 -37.21
C GLU A 436 23.04 -33.42 -37.06
N ARG A 437 22.81 -32.13 -37.31
CA ARG A 437 23.89 -31.15 -37.27
C ARG A 437 24.58 -31.13 -35.91
N LEU A 438 23.84 -31.39 -34.84
CA LEU A 438 24.38 -31.35 -33.48
C LEU A 438 24.90 -32.70 -33.01
N GLY A 439 24.91 -33.71 -33.88
CA GLY A 439 25.40 -35.01 -33.48
C GLY A 439 24.45 -35.79 -32.59
N VAL A 440 23.16 -35.49 -32.62
CA VAL A 440 22.18 -36.23 -31.84
C VAL A 440 21.92 -37.55 -32.54
N GLN A 441 22.40 -38.64 -31.96
CA GLN A 441 22.17 -39.96 -32.53
C GLN A 441 20.68 -40.26 -32.53
N GLU A 442 20.17 -40.73 -33.68
CA GLU A 442 18.74 -40.96 -33.78
C GLU A 442 18.26 -42.07 -32.85
N SER A 443 19.17 -42.91 -32.37
CA SER A 443 18.79 -43.93 -31.41
C SER A 443 18.26 -43.31 -30.13
N ASP A 444 18.89 -42.25 -29.65
CA ASP A 444 18.44 -41.57 -28.44
C ASP A 444 17.05 -40.98 -28.59
N LEU A 445 16.61 -40.73 -29.81
CA LEU A 445 15.27 -40.18 -30.00
C LEU A 445 14.21 -41.11 -29.45
N ARG A 446 14.49 -42.42 -29.37
CA ARG A 446 13.52 -43.35 -28.78
C ARG A 446 13.25 -42.98 -27.33
N LEU A 447 14.30 -42.80 -26.54
CA LEU A 447 14.12 -42.37 -25.15
C LEU A 447 13.54 -40.97 -25.08
N PHE A 448 14.02 -40.07 -25.95
CA PHE A 448 13.55 -38.70 -25.89
C PHE A 448 12.06 -38.59 -26.17
N LEU A 449 11.52 -39.46 -27.04
CA LEU A 449 10.11 -39.44 -27.41
C LEU A 449 9.26 -40.24 -26.45
N ASP A 450 9.58 -41.52 -26.25
CA ASP A 450 8.77 -42.35 -25.39
C ASP A 450 8.68 -41.79 -23.98
N GLY A 451 9.63 -40.96 -23.57
CA GLY A 451 9.55 -40.27 -22.31
C GLY A 451 8.72 -39.00 -22.34
N ASP A 452 8.20 -38.62 -23.51
CA ASP A 452 7.38 -37.43 -23.68
C ASP A 452 8.18 -36.14 -23.51
N ILE A 453 9.48 -36.17 -23.74
CA ILE A 453 10.23 -34.91 -23.77
C ILE A 453 10.10 -34.25 -25.13
N LEU A 454 10.17 -35.03 -26.21
CA LEU A 454 9.95 -34.55 -27.56
C LEU A 454 8.68 -35.16 -28.13
N ARG A 455 7.98 -34.38 -28.94
CA ARG A 455 6.73 -34.83 -29.57
C ARG A 455 6.86 -34.74 -31.08
N GLN A 456 6.69 -35.88 -31.75
CA GLN A 456 6.79 -35.94 -33.20
C GLN A 456 5.47 -35.50 -33.83
N ASP A 457 5.55 -34.57 -34.77
CA ASP A 457 4.36 -34.11 -35.48
C ASP A 457 3.88 -35.20 -36.44
N ARG A 458 2.58 -35.47 -36.41
CA ARG A 458 2.00 -36.53 -37.23
C ARG A 458 1.38 -36.04 -38.52
N VAL A 459 1.45 -34.74 -38.80
CA VAL A 459 0.89 -34.19 -40.04
C VAL A 459 1.99 -34.10 -41.09
N SER A 460 3.02 -33.31 -40.81
CA SER A 460 4.18 -33.19 -41.68
C SER A 460 5.29 -34.02 -41.07
N LYS A 461 5.62 -35.14 -41.71
CA LYS A 461 6.65 -36.02 -41.20
C LYS A 461 8.01 -35.32 -41.22
N GLY A 462 8.89 -35.75 -40.33
CA GLY A 462 10.22 -35.15 -40.25
C GLY A 462 10.27 -33.86 -39.46
N CYS A 463 9.40 -33.69 -38.48
CA CYS A 463 9.39 -32.52 -37.61
C CYS A 463 9.36 -32.97 -36.15
N TYR A 464 9.94 -32.15 -35.27
CA TYR A 464 9.95 -32.44 -33.85
C TYR A 464 9.91 -31.15 -33.07
N SER A 465 9.41 -31.22 -31.83
CA SER A 465 9.32 -30.05 -30.98
C SER A 465 9.28 -30.50 -29.53
N PHE A 466 9.51 -29.55 -28.63
CA PHE A 466 9.52 -29.84 -27.20
C PHE A 466 8.09 -29.81 -26.64
N ILE A 467 7.93 -30.48 -25.49
CA ILE A 467 6.61 -30.66 -24.92
C ILE A 467 5.95 -29.31 -24.64
N HIS A 468 6.69 -28.38 -24.05
CA HIS A 468 6.15 -27.07 -23.75
C HIS A 468 7.31 -26.10 -23.52
N LEU A 469 7.01 -24.81 -23.59
CA LEU A 469 8.06 -23.81 -23.50
C LEU A 469 8.77 -23.87 -22.15
N SER A 470 8.02 -24.05 -21.06
CA SER A 470 8.64 -24.01 -19.74
C SER A 470 9.67 -25.12 -19.59
N PHE A 471 9.37 -26.31 -20.12
CA PHE A 471 10.35 -27.40 -20.05
C PHE A 471 11.61 -27.05 -20.81
N GLN A 472 11.48 -26.39 -21.96
CA GLN A 472 12.65 -25.94 -22.69
C GLN A 472 13.46 -24.95 -21.85
N GLN A 473 12.78 -24.03 -21.17
CA GLN A 473 13.50 -23.07 -20.33
C GLN A 473 14.22 -23.79 -19.17
N PHE A 474 13.56 -24.76 -18.55
CA PHE A 474 14.19 -25.48 -17.46
C PHE A 474 15.45 -26.19 -17.94
N LEU A 475 15.38 -26.86 -19.09
CA LEU A 475 16.58 -27.50 -19.62
C LEU A 475 17.66 -26.47 -19.95
N THR A 476 17.27 -25.30 -20.43
CA THR A 476 18.26 -24.25 -20.65
C THR A 476 19.00 -23.91 -19.37
N ALA A 477 18.27 -23.77 -18.26
CA ALA A 477 18.93 -23.47 -17.00
C ALA A 477 19.86 -24.60 -16.58
N LEU A 478 19.40 -25.84 -16.74
CA LEU A 478 20.26 -26.98 -16.44
C LEU A 478 21.55 -26.94 -17.24
N PHE A 479 21.50 -26.44 -18.47
CA PHE A 479 22.74 -26.29 -19.22
C PHE A 479 23.70 -25.36 -18.52
N TYR A 480 23.24 -24.16 -18.14
CA TYR A 480 24.13 -23.17 -17.57
C TYR A 480 24.72 -23.63 -16.26
N ALA A 481 23.94 -24.30 -15.41
CA ALA A 481 24.50 -24.76 -14.16
C ALA A 481 25.37 -26.01 -14.34
N LEU A 482 25.28 -26.68 -15.48
CA LEU A 482 26.12 -27.84 -15.73
C LEU A 482 27.58 -27.45 -15.86
N GLU A 483 28.45 -28.35 -15.44
CA GLU A 483 29.89 -28.09 -15.48
C GLU A 483 30.37 -27.98 -16.93
N LYS A 484 31.26 -27.02 -17.18
CA LYS A 484 31.82 -26.83 -18.52
C LYS A 484 33.19 -27.49 -18.62
N GLU A 485 33.41 -28.20 -19.73
CA GLU A 485 34.65 -28.93 -19.94
C GLU A 485 35.70 -28.04 -20.60
N GLU A 486 36.97 -28.38 -20.36
CA GLU A 486 38.07 -27.63 -20.91
C GLU A 486 38.12 -27.79 -22.44
N GLY A 487 38.43 -26.70 -23.13
CA GLY A 487 38.63 -26.74 -24.56
C GLY A 487 37.37 -26.81 -25.38
N GLU A 488 36.19 -26.70 -24.74
CA GLU A 488 34.93 -26.81 -25.48
C GLU A 488 34.76 -25.66 -26.47
N ASP A 489 35.57 -24.61 -26.35
CA ASP A 489 35.57 -23.54 -27.35
C ASP A 489 36.14 -24.00 -28.69
N ARG A 490 36.77 -25.18 -28.73
CA ARG A 490 37.42 -25.69 -29.93
C ARG A 490 36.49 -26.50 -30.80
N ASP A 491 35.21 -26.61 -30.47
CA ASP A 491 34.29 -27.38 -31.28
C ASP A 491 34.25 -26.83 -32.71
N GLY A 492 33.73 -27.65 -33.62
CA GLY A 492 33.70 -27.29 -35.02
C GLY A 492 32.59 -26.34 -35.41
N HIS A 493 31.74 -25.93 -34.47
CA HIS A 493 30.64 -25.02 -34.73
C HIS A 493 30.71 -23.83 -33.79
N ALA A 494 30.28 -22.68 -34.28
CA ALA A 494 30.20 -21.47 -33.46
C ALA A 494 28.79 -21.42 -32.85
N TRP A 495 28.66 -21.94 -31.65
CA TRP A 495 27.36 -22.07 -31.02
C TRP A 495 26.74 -20.71 -30.76
N ASP A 496 25.42 -20.66 -30.79
CA ASP A 496 24.67 -19.43 -30.48
C ASP A 496 24.27 -19.43 -29.02
N ILE A 497 25.27 -19.44 -28.14
CA ILE A 497 25.08 -19.48 -26.70
C ILE A 497 25.80 -18.29 -26.09
N GLY A 498 25.11 -17.57 -25.21
CA GLY A 498 25.72 -16.46 -24.50
C GLY A 498 26.42 -16.93 -23.24
N ASP A 499 26.48 -16.02 -22.27
CA ASP A 499 27.03 -16.33 -20.96
C ASP A 499 26.13 -15.80 -19.85
N VAL A 500 26.51 -16.09 -18.61
CA VAL A 500 25.65 -15.78 -17.47
C VAL A 500 25.40 -14.27 -17.39
N GLN A 501 26.46 -13.47 -17.53
CA GLN A 501 26.29 -12.03 -17.43
C GLN A 501 25.40 -11.50 -18.55
N LYS A 502 25.57 -12.03 -19.76
CA LYS A 502 24.70 -11.61 -20.85
C LYS A 502 23.28 -12.06 -20.61
N LEU A 503 23.11 -13.28 -20.07
CA LEU A 503 21.78 -13.80 -19.79
C LEU A 503 21.04 -12.92 -18.79
N LEU A 504 21.74 -12.44 -17.78
CA LEU A 504 21.14 -11.66 -16.71
C LEU A 504 21.06 -10.17 -17.03
N SER A 505 21.52 -9.76 -18.21
CA SER A 505 21.48 -8.34 -18.56
C SER A 505 20.05 -7.92 -18.92
N GLY A 506 19.75 -6.65 -18.68
CA GLY A 506 18.41 -6.15 -18.94
C GLY A 506 18.13 -5.98 -20.43
N GLU A 507 19.11 -5.51 -21.19
CA GLU A 507 18.90 -5.31 -22.62
C GLU A 507 18.56 -6.63 -23.31
N GLU A 508 19.23 -7.72 -22.91
CA GLU A 508 18.88 -9.03 -23.45
C GLU A 508 17.47 -9.42 -23.06
N ARG A 509 17.06 -9.11 -21.83
CA ARG A 509 15.69 -9.39 -21.41
C ARG A 509 14.69 -8.70 -22.32
N LEU A 510 14.89 -7.40 -22.57
CA LEU A 510 13.97 -6.67 -23.43
C LEU A 510 13.99 -7.23 -24.85
N LYS A 511 15.19 -7.52 -25.37
CA LYS A 511 15.30 -8.04 -26.73
C LYS A 511 14.64 -9.41 -26.85
N ASN A 512 14.84 -10.27 -25.86
CA ASN A 512 14.35 -11.65 -25.88
C ASN A 512 13.60 -11.93 -24.58
N PRO A 513 12.28 -11.65 -24.55
CA PRO A 513 11.56 -11.77 -23.27
C PRO A 513 11.45 -13.19 -22.74
N ASP A 514 12.01 -14.18 -23.42
CA ASP A 514 11.85 -15.57 -22.98
C ASP A 514 12.95 -16.03 -22.04
N LEU A 515 13.88 -15.17 -21.66
CA LEU A 515 14.94 -15.56 -20.71
C LEU A 515 14.58 -15.23 -19.28
N ILE A 516 13.53 -14.45 -19.05
CA ILE A 516 13.15 -14.09 -17.69
C ILE A 516 12.88 -15.35 -16.88
N GLN A 517 12.14 -16.29 -17.44
CA GLN A 517 11.83 -17.52 -16.72
C GLN A 517 13.08 -18.36 -16.50
N VAL A 518 14.01 -18.37 -17.46
CA VAL A 518 15.25 -19.10 -17.24
C VAL A 518 15.97 -18.53 -16.05
N GLY A 519 15.84 -17.22 -15.83
CA GLY A 519 16.45 -16.62 -14.65
C GLY A 519 15.93 -17.24 -13.35
N HIS A 520 14.61 -17.32 -13.22
CA HIS A 520 14.04 -17.88 -12.00
C HIS A 520 14.45 -19.33 -11.83
N PHE A 521 14.41 -20.11 -12.92
CA PHE A 521 14.79 -21.51 -12.80
C PHE A 521 16.24 -21.64 -12.37
N LEU A 522 17.12 -20.82 -12.94
CA LEU A 522 18.52 -20.89 -12.56
C LEU A 522 18.69 -20.58 -11.08
N PHE A 523 17.99 -19.55 -10.59
CA PHE A 523 18.01 -19.30 -9.14
C PHE A 523 17.57 -20.53 -8.38
N GLY A 524 16.52 -21.19 -8.85
CA GLY A 524 16.02 -22.35 -8.16
C GLY A 524 17.01 -23.50 -8.11
N LEU A 525 17.87 -23.59 -9.12
CA LEU A 525 18.85 -24.68 -9.15
C LEU A 525 20.09 -24.39 -8.32
N ALA A 526 20.17 -23.22 -7.68
CA ALA A 526 21.33 -22.88 -6.85
C ALA A 526 21.32 -23.60 -5.51
N ASN A 527 20.24 -24.31 -5.18
CA ASN A 527 20.18 -25.07 -3.94
C ASN A 527 21.18 -26.22 -3.98
N GLU A 528 21.47 -26.77 -2.79
CA GLU A 528 22.41 -27.88 -2.71
C GLU A 528 21.70 -29.23 -2.76
N LYS A 529 20.55 -29.33 -2.10
CA LYS A 529 19.86 -30.62 -2.05
C LYS A 529 19.43 -31.07 -3.44
N ARG A 530 18.93 -30.14 -4.25
CA ARG A 530 18.50 -30.51 -5.60
C ARG A 530 19.69 -30.97 -6.44
N ALA A 531 20.83 -30.31 -6.32
CA ALA A 531 22.01 -30.75 -7.03
C ALA A 531 22.44 -32.14 -6.58
N LYS A 532 22.39 -32.39 -5.27
CA LYS A 532 22.72 -33.70 -4.76
C LYS A 532 21.81 -34.77 -5.36
N GLU A 533 20.50 -34.53 -5.33
CA GLU A 533 19.56 -35.52 -5.85
C GLU A 533 19.76 -35.74 -7.34
N LEU A 534 19.96 -34.66 -8.10
CA LEU A 534 20.14 -34.78 -9.54
C LEU A 534 21.40 -35.58 -9.85
N GLU A 535 22.50 -35.29 -9.16
CA GLU A 535 23.72 -36.05 -9.39
C GLU A 535 23.54 -37.52 -9.03
N ALA A 536 22.85 -37.80 -7.92
CA ALA A 536 22.62 -39.18 -7.53
C ALA A 536 21.77 -39.94 -8.55
N THR A 537 20.73 -39.29 -9.08
CA THR A 537 19.84 -39.96 -10.02
C THR A 537 20.48 -40.15 -11.38
N PHE A 538 21.22 -39.15 -11.88
CA PHE A 538 21.81 -39.22 -13.20
C PHE A 538 23.31 -39.44 -13.19
N GLY A 539 24.05 -38.87 -12.24
CA GLY A 539 25.48 -39.02 -12.22
C GLY A 539 26.26 -37.95 -12.94
N CYS A 540 25.64 -36.81 -13.24
CA CYS A 540 26.36 -35.70 -13.84
C CYS A 540 27.17 -34.97 -12.76
N ARG A 541 27.80 -33.88 -13.15
CA ARG A 541 28.61 -33.07 -12.25
C ARG A 541 28.17 -31.61 -12.33
N MET A 542 28.10 -30.95 -11.19
CA MET A 542 27.47 -29.64 -11.08
C MET A 542 28.53 -28.58 -10.80
N SER A 543 28.43 -27.46 -11.51
CA SER A 543 29.38 -26.36 -11.31
C SER A 543 29.13 -25.69 -9.96
N PRO A 544 30.16 -25.44 -9.15
CA PRO A 544 29.94 -24.81 -7.85
C PRO A 544 30.04 -23.30 -7.83
N ASP A 545 30.30 -22.65 -8.97
CA ASP A 545 30.51 -21.22 -8.99
C ASP A 545 29.23 -20.43 -9.22
N ILE A 546 28.07 -21.09 -9.28
CA ILE A 546 26.84 -20.37 -9.56
C ILE A 546 26.52 -19.38 -8.44
N LYS A 547 26.80 -19.78 -7.20
CA LYS A 547 26.48 -18.90 -6.07
C LYS A 547 27.22 -17.59 -6.16
N GLN A 548 28.40 -17.59 -6.76
CA GLN A 548 29.18 -16.37 -6.95
C GLN A 548 28.82 -15.65 -8.25
N GLU A 549 28.53 -16.41 -9.31
CA GLU A 549 28.18 -15.78 -10.57
C GLU A 549 26.88 -15.01 -10.45
N LEU A 550 25.92 -15.53 -9.70
CA LEU A 550 24.66 -14.81 -9.49
C LEU A 550 24.91 -13.50 -8.77
N LEU A 551 25.77 -13.51 -7.74
CA LEU A 551 26.08 -12.30 -6.99
C LEU A 551 27.00 -11.35 -7.75
N GLN A 552 27.64 -11.82 -8.82
CA GLN A 552 28.46 -10.92 -9.63
C GLN A 552 27.60 -9.93 -10.39
N CYS A 553 26.34 -10.29 -10.68
CA CYS A 553 25.36 -9.36 -11.21
C CYS A 553 24.60 -8.62 -10.12
N LYS A 554 25.20 -8.51 -8.93
CA LYS A 554 24.60 -7.85 -7.78
C LYS A 554 24.45 -6.35 -7.98
N ALA A 555 25.10 -5.77 -9.00
CA ALA A 555 24.87 -4.36 -9.30
C ALA A 555 23.41 -4.10 -9.70
N HIS A 556 22.74 -5.11 -10.25
CA HIS A 556 21.32 -4.97 -10.55
C HIS A 556 20.51 -4.66 -9.31
N LEU A 557 21.02 -5.06 -8.14
CA LEU A 557 20.35 -4.84 -6.86
C LEU A 557 20.91 -3.65 -6.10
N HIS A 558 22.19 -3.35 -6.26
CA HIS A 558 22.83 -2.22 -5.59
C HIS A 558 22.72 -0.95 -6.44
N ALA A 559 21.47 -0.52 -6.64
CA ALA A 559 21.21 0.70 -7.39
C ALA A 559 21.39 1.96 -6.54
N ASN A 560 21.55 1.83 -5.23
CA ASN A 560 21.67 2.95 -4.31
C ASN A 560 20.39 3.76 -4.21
N LYS A 561 19.30 3.28 -4.76
CA LYS A 561 17.99 3.91 -4.64
C LYS A 561 16.96 2.85 -4.32
N PRO A 562 15.85 3.21 -3.68
CA PRO A 562 14.79 2.23 -3.44
C PRO A 562 14.31 1.61 -4.73
N LEU A 563 14.11 0.31 -4.72
CA LEU A 563 13.68 -0.41 -5.92
C LEU A 563 12.17 -0.24 -6.11
N SER A 564 11.75 -0.11 -7.37
CA SER A 564 10.33 0.02 -7.68
C SER A 564 9.59 -1.23 -7.22
N VAL A 565 8.25 -1.19 -7.29
CA VAL A 565 7.47 -2.32 -6.80
C VAL A 565 7.75 -3.58 -7.58
N THR A 566 7.75 -3.48 -8.91
CA THR A 566 7.93 -4.67 -9.74
C THR A 566 9.31 -5.29 -9.54
N ASP A 567 10.35 -4.48 -9.46
CA ASP A 567 11.68 -5.02 -9.24
C ASP A 567 11.74 -5.76 -7.91
N LEU A 568 11.14 -5.19 -6.86
CA LEU A 568 11.15 -5.85 -5.57
C LEU A 568 10.39 -7.18 -5.65
N LYS A 569 9.25 -7.20 -6.35
CA LYS A 569 8.53 -8.46 -6.51
C LYS A 569 9.41 -9.50 -7.19
N GLU A 570 10.09 -9.11 -8.26
CA GLU A 570 10.94 -10.06 -8.99
C GLU A 570 12.05 -10.60 -8.09
N VAL A 571 12.73 -9.71 -7.37
CA VAL A 571 13.85 -10.13 -6.53
C VAL A 571 13.36 -11.05 -5.43
N LEU A 572 12.24 -10.72 -4.79
CA LEU A 572 11.72 -11.57 -3.73
C LEU A 572 11.31 -12.93 -4.28
N GLY A 573 10.69 -12.96 -5.45
CA GLY A 573 10.33 -14.24 -6.04
C GLY A 573 11.53 -15.12 -6.31
N CYS A 574 12.58 -14.54 -6.89
CA CYS A 574 13.80 -15.31 -7.14
C CYS A 574 14.39 -15.83 -5.83
N LEU A 575 14.47 -14.96 -4.82
CA LEU A 575 15.07 -15.37 -3.56
C LEU A 575 14.27 -16.50 -2.93
N TYR A 576 12.94 -16.42 -2.98
CA TYR A 576 12.11 -17.51 -2.46
C TYR A 576 12.35 -18.79 -3.24
N GLU A 577 12.50 -18.69 -4.57
CA GLU A 577 12.82 -19.87 -5.34
C GLU A 577 14.11 -20.52 -4.84
N SER A 578 15.10 -19.70 -4.50
CA SER A 578 16.39 -20.24 -4.08
C SER A 578 16.25 -21.12 -2.85
N GLN A 579 15.40 -20.73 -1.90
CA GLN A 579 15.16 -21.52 -0.69
C GLN A 579 16.42 -21.70 0.13
N GLU A 580 17.33 -20.73 0.08
CA GLU A 580 18.53 -20.73 0.90
C GLU A 580 18.69 -19.35 1.52
N GLU A 581 18.68 -19.29 2.86
CA GLU A 581 18.70 -18.00 3.53
C GLU A 581 20.03 -17.29 3.36
N GLU A 582 21.14 -18.04 3.31
CA GLU A 582 22.44 -17.41 3.15
C GLU A 582 22.53 -16.63 1.85
N LEU A 583 21.75 -17.03 0.84
CA LEU A 583 21.70 -16.27 -0.39
C LEU A 583 20.90 -14.99 -0.22
N ALA A 584 19.89 -15.01 0.65
CA ALA A 584 19.04 -13.84 0.84
C ALA A 584 19.71 -12.78 1.71
N LYS A 585 20.48 -13.21 2.71
CA LYS A 585 21.07 -12.26 3.65
C LYS A 585 21.95 -11.25 2.92
N VAL A 586 22.88 -11.74 2.09
CA VAL A 586 23.84 -10.85 1.44
C VAL A 586 23.14 -9.87 0.51
N VAL A 587 21.92 -10.18 0.06
CA VAL A 587 21.23 -9.35 -0.91
C VAL A 587 20.33 -8.33 -0.24
N VAL A 588 19.61 -8.72 0.82
CA VAL A 588 18.66 -7.82 1.46
C VAL A 588 19.27 -7.00 2.58
N ALA A 589 20.58 -7.09 2.79
CA ALA A 589 21.20 -6.32 3.86
C ALA A 589 21.10 -4.81 3.66
N PRO A 590 21.36 -4.25 2.48
CA PRO A 590 21.49 -2.80 2.35
C PRO A 590 20.19 -2.05 2.08
N PHE A 591 19.04 -2.71 2.05
CA PHE A 591 17.80 -1.99 1.79
C PHE A 591 17.58 -0.92 2.83
N LYS A 592 17.12 0.25 2.39
CA LYS A 592 16.83 1.36 3.28
C LYS A 592 15.42 1.87 3.18
N GLU A 593 14.76 1.72 2.05
CA GLU A 593 13.36 2.09 1.91
C GLU A 593 12.66 1.05 1.05
N ILE A 594 11.37 0.85 1.29
CA ILE A 594 10.64 -0.24 0.69
C ILE A 594 9.21 0.20 0.42
N SER A 595 8.63 -0.33 -0.64
CA SER A 595 7.22 -0.20 -0.92
C SER A 595 6.66 -1.55 -1.34
N ILE A 596 5.47 -1.88 -0.86
CA ILE A 596 4.87 -3.18 -1.08
C ILE A 596 3.46 -2.98 -1.61
N HIS A 597 3.02 -3.90 -2.46
CA HIS A 597 1.66 -3.90 -3.01
C HIS A 597 1.21 -5.35 -3.10
N LEU A 598 0.59 -5.85 -2.04
CA LEU A 598 0.16 -7.24 -2.00
C LEU A 598 -1.08 -7.45 -2.86
N THR A 599 -1.16 -8.61 -3.49
CA THR A 599 -2.33 -8.98 -4.29
C THR A 599 -2.86 -10.38 -4.02
N ASN A 600 -2.07 -11.27 -3.43
CA ASN A 600 -2.54 -12.61 -3.12
C ASN A 600 -1.66 -13.19 -2.03
N THR A 601 -2.00 -14.42 -1.62
CA THR A 601 -1.32 -15.03 -0.48
C THR A 601 0.17 -15.26 -0.76
N SER A 602 0.50 -15.69 -1.97
CA SER A 602 1.87 -16.06 -2.27
C SER A 602 2.81 -14.87 -2.05
N GLU A 603 2.37 -13.66 -2.42
CA GLU A 603 3.21 -12.49 -2.22
C GLU A 603 3.47 -12.25 -0.74
N VAL A 604 2.44 -12.42 0.10
CA VAL A 604 2.63 -12.28 1.54
C VAL A 604 3.66 -13.28 2.03
N MET A 605 3.56 -14.53 1.56
CA MET A 605 4.51 -15.54 2.02
C MET A 605 5.93 -15.20 1.60
N HIS A 606 6.11 -14.72 0.37
CA HIS A 606 7.45 -14.37 -0.09
C HIS A 606 8.04 -13.24 0.74
N CYS A 607 7.26 -12.18 0.96
CA CYS A 607 7.76 -11.05 1.74
C CYS A 607 8.12 -11.49 3.15
N SER A 608 7.28 -12.32 3.78
CA SER A 608 7.58 -12.78 5.11
C SER A 608 8.88 -13.57 5.13
N PHE A 609 9.07 -14.46 4.16
CA PHE A 609 10.28 -15.28 4.15
C PHE A 609 11.53 -14.43 4.00
N SER A 610 11.49 -13.44 3.12
CA SER A 610 12.72 -12.71 2.78
C SER A 610 13.03 -11.57 3.72
N LEU A 611 12.06 -10.71 4.04
CA LEU A 611 12.38 -9.43 4.67
C LEU A 611 12.76 -9.53 6.14
N LYS A 612 12.62 -10.70 6.78
CA LYS A 612 12.91 -10.78 8.20
C LYS A 612 14.37 -10.52 8.52
N HIS A 613 15.25 -10.55 7.51
CA HIS A 613 16.67 -10.35 7.74
C HIS A 613 17.11 -8.90 7.62
N CYS A 614 16.23 -7.99 7.21
CA CYS A 614 16.61 -6.60 7.10
C CYS A 614 16.89 -6.02 8.49
N GLN A 615 17.84 -5.10 8.56
CA GLN A 615 18.22 -4.45 9.81
C GLN A 615 18.30 -2.94 9.71
N ASP A 616 18.58 -2.38 8.54
CA ASP A 616 18.68 -0.94 8.37
C ASP A 616 17.45 -0.33 7.73
N LEU A 617 16.40 -1.10 7.54
CA LEU A 617 15.18 -0.56 6.94
C LEU A 617 14.68 0.62 7.75
N GLN A 618 14.26 1.68 7.07
CA GLN A 618 13.89 2.92 7.73
C GLN A 618 12.53 3.47 7.36
N LYS A 619 12.01 3.15 6.18
CA LYS A 619 10.70 3.60 5.77
C LYS A 619 9.93 2.42 5.21
N LEU A 620 8.61 2.54 5.16
CA LEU A 620 7.79 1.45 4.67
C LEU A 620 6.43 1.99 4.27
N SER A 621 5.98 1.63 3.08
CA SER A 621 4.66 2.00 2.59
C SER A 621 3.93 0.72 2.21
N LEU A 622 2.73 0.54 2.75
CA LEU A 622 2.00 -0.72 2.61
C LEU A 622 0.73 -0.48 1.80
N GLN A 623 0.18 -1.57 1.27
CA GLN A 623 -1.09 -1.52 0.57
C GLN A 623 -1.56 -2.94 0.33
N VAL A 624 -2.85 -3.18 0.52
CA VAL A 624 -3.44 -4.49 0.34
C VAL A 624 -4.55 -4.38 -0.68
N ALA A 625 -4.53 -5.24 -1.70
CA ALA A 625 -5.55 -5.20 -2.73
C ALA A 625 -6.73 -6.08 -2.33
N LYS A 626 -7.87 -5.82 -2.96
CA LYS A 626 -9.07 -6.58 -2.67
C LYS A 626 -8.88 -8.04 -3.05
N GLY A 627 -9.50 -8.92 -2.28
CA GLY A 627 -9.45 -10.34 -2.54
C GLY A 627 -8.47 -11.10 -1.67
N VAL A 628 -7.50 -10.42 -1.07
CA VAL A 628 -6.57 -11.10 -0.19
C VAL A 628 -7.30 -11.59 1.06
N PHE A 629 -8.07 -10.71 1.68
CA PHE A 629 -8.84 -11.04 2.88
C PHE A 629 -10.31 -11.16 2.52
N LEU A 630 -10.93 -12.28 2.91
CA LEU A 630 -12.30 -12.55 2.55
C LEU A 630 -13.25 -11.56 3.22
N GLU A 631 -14.35 -11.26 2.52
CA GLU A 631 -15.34 -10.33 3.04
C GLU A 631 -15.80 -10.75 4.43
N ASN A 632 -16.33 -9.79 5.17
CA ASN A 632 -16.77 -10.04 6.54
C ASN A 632 -18.06 -10.83 6.56
N TYR A 633 -18.10 -11.88 7.37
CA TYR A 633 -19.31 -12.67 7.58
C TYR A 633 -19.68 -12.68 9.05
N TRP A 653 -14.96 -21.49 4.01
CA TRP A 653 -14.40 -20.14 3.92
C TRP A 653 -13.53 -19.83 5.15
N ALA A 654 -13.91 -20.42 6.28
CA ALA A 654 -13.19 -20.15 7.52
C ALA A 654 -11.73 -20.58 7.42
N ARG A 655 -11.47 -21.76 6.87
CA ARG A 655 -10.08 -22.23 6.73
C ARG A 655 -9.31 -21.38 5.73
N GLN A 656 -9.97 -20.99 4.64
CA GLN A 656 -9.31 -20.15 3.65
C GLN A 656 -8.87 -18.83 4.27
N ASP A 657 -9.73 -18.22 5.09
CA ASP A 657 -9.32 -17.01 5.78
C ASP A 657 -8.31 -17.30 6.89
N LEU A 658 -8.36 -18.48 7.48
CA LEU A 658 -7.44 -18.80 8.57
C LEU A 658 -6.01 -18.90 8.07
N ARG A 659 -5.81 -19.50 6.89
CA ARG A 659 -4.46 -19.56 6.35
C ARG A 659 -3.91 -18.16 6.13
N SER A 660 -4.73 -17.27 5.56
CA SER A 660 -4.30 -15.90 5.34
C SER A 660 -4.01 -15.21 6.66
N LEU A 661 -4.82 -15.46 7.69
CA LEU A 661 -4.57 -14.86 8.99
C LEU A 661 -3.25 -15.33 9.57
N ARG A 662 -2.95 -16.63 9.47
CA ARG A 662 -1.69 -17.14 9.97
C ARG A 662 -0.52 -16.48 9.26
N LEU A 663 -0.57 -16.41 7.94
CA LEU A 663 0.52 -15.79 7.20
C LEU A 663 0.63 -14.31 7.53
N TRP A 664 -0.50 -13.63 7.74
CA TRP A 664 -0.47 -12.23 8.11
C TRP A 664 0.20 -12.04 9.46
N THR A 665 -0.11 -12.89 10.42
CA THR A 665 0.53 -12.81 11.73
C THR A 665 2.03 -13.02 11.60
N ASP A 666 2.46 -13.98 10.78
CA ASP A 666 3.88 -14.16 10.56
C ASP A 666 4.51 -12.94 9.91
N PHE A 667 3.78 -12.31 8.98
CA PHE A 667 4.32 -11.18 8.24
C PHE A 667 4.44 -9.93 9.09
N CYS A 668 3.56 -9.74 10.06
CA CYS A 668 3.55 -8.52 10.86
C CYS A 668 4.62 -8.51 11.93
N SER A 669 5.62 -9.37 11.86
CA SER A 669 6.70 -9.35 12.84
C SER A 669 7.80 -8.37 12.49
N LEU A 670 7.75 -7.74 11.31
CA LEU A 670 8.76 -6.74 10.97
C LEU A 670 8.71 -5.58 11.94
N PHE A 671 7.51 -5.10 12.27
CA PHE A 671 7.39 -3.91 13.10
C PHE A 671 7.96 -4.16 14.49
N SER A 672 7.71 -5.34 15.06
CA SER A 672 8.14 -5.61 16.43
C SER A 672 9.64 -5.85 16.53
N SER A 673 10.23 -6.49 15.53
CA SER A 673 11.63 -6.89 15.65
C SER A 673 12.57 -5.77 15.27
N ASN A 674 12.31 -5.08 14.17
CA ASN A 674 13.20 -4.03 13.68
C ASN A 674 13.02 -2.78 14.52
N SER A 675 14.09 -2.35 15.20
CA SER A 675 14.05 -1.18 16.06
C SER A 675 14.62 0.06 15.40
N ASN A 676 14.85 0.02 14.09
CA ASN A 676 15.29 1.20 13.35
C ASN A 676 14.20 1.80 12.49
N LEU A 677 13.12 1.07 12.24
CA LEU A 677 12.01 1.59 11.45
C LEU A 677 11.49 2.86 12.09
N LYS A 678 11.30 3.91 11.28
CA LYS A 678 10.95 5.21 11.79
C LYS A 678 9.91 5.96 10.96
N PHE A 679 9.13 5.27 10.13
CA PHE A 679 8.12 5.93 9.32
C PHE A 679 7.28 4.83 8.68
N LEU A 680 5.96 4.97 8.77
CA LEU A 680 5.03 4.00 8.22
C LEU A 680 3.95 4.73 7.45
N GLU A 681 3.28 4.02 6.56
CA GLU A 681 2.16 4.59 5.82
C GLU A 681 1.28 3.45 5.30
N VAL A 682 -0.02 3.64 5.40
CA VAL A 682 -1.00 2.68 4.92
C VAL A 682 -2.04 3.43 4.10
N LYS A 683 -2.42 2.88 2.96
CA LYS A 683 -3.35 3.60 2.10
C LYS A 683 -4.11 2.65 1.19
N GLN A 684 -5.42 2.87 1.10
CA GLN A 684 -6.28 2.21 0.12
C GLN A 684 -6.16 0.69 0.24
N SER A 685 -6.57 0.19 1.40
CA SER A 685 -6.49 -1.22 1.72
C SER A 685 -7.85 -1.75 2.12
N PHE A 686 -8.19 -2.93 1.60
CA PHE A 686 -9.45 -3.60 1.95
C PHE A 686 -9.14 -4.63 3.01
N LEU A 687 -9.00 -4.16 4.24
CA LEU A 687 -8.65 -5.01 5.37
C LEU A 687 -9.92 -5.59 6.01
N SER A 688 -9.72 -6.32 7.10
CA SER A 688 -10.83 -6.82 7.90
C SER A 688 -10.45 -6.72 9.37
N ASP A 689 -11.46 -6.70 10.23
CA ASP A 689 -11.26 -6.34 11.64
C ASP A 689 -10.13 -7.17 12.28
N SER A 690 -10.12 -8.48 12.04
CA SER A 690 -9.13 -9.32 12.70
C SER A 690 -7.72 -8.93 12.30
N SER A 691 -7.49 -8.67 11.01
CA SER A 691 -6.16 -8.28 10.57
C SER A 691 -5.73 -6.97 11.22
N VAL A 692 -6.64 -5.99 11.28
CA VAL A 692 -6.31 -4.73 11.89
C VAL A 692 -5.96 -4.93 13.37
N ARG A 693 -6.70 -5.80 14.05
CA ARG A 693 -6.41 -6.04 15.46
C ARG A 693 -5.04 -6.67 15.63
N ILE A 694 -4.68 -7.62 14.78
CA ILE A 694 -3.35 -8.22 14.89
C ILE A 694 -2.28 -7.17 14.66
N LEU A 695 -2.46 -6.34 13.64
CA LEU A 695 -1.47 -5.31 13.33
C LEU A 695 -1.29 -4.37 14.52
N CYS A 696 -2.40 -3.93 15.13
CA CYS A 696 -2.30 -3.04 16.28
C CYS A 696 -1.66 -3.74 17.47
N ASP A 697 -1.98 -5.01 17.70
CA ASP A 697 -1.33 -5.75 18.77
C ASP A 697 0.18 -5.71 18.60
N HIS A 698 0.65 -5.90 17.37
CA HIS A 698 2.10 -5.89 17.16
C HIS A 698 2.67 -4.48 17.25
N VAL A 699 1.86 -3.46 16.96
CA VAL A 699 2.37 -2.10 16.98
C VAL A 699 2.44 -1.55 18.40
N THR A 700 1.67 -2.12 19.33
CA THR A 700 1.63 -1.54 20.68
C THR A 700 2.78 -1.98 21.57
N ARG A 701 3.68 -2.83 21.10
CA ARG A 701 4.75 -3.32 21.97
C ARG A 701 5.79 -2.22 22.20
N SER A 702 6.75 -2.51 23.08
CA SER A 702 7.75 -1.55 23.49
C SER A 702 9.07 -1.68 22.73
N THR A 703 9.15 -2.57 21.75
CA THR A 703 10.33 -2.66 20.90
C THR A 703 10.19 -1.88 19.61
N CYS A 704 9.09 -1.17 19.43
CA CYS A 704 8.84 -0.38 18.23
C CYS A 704 9.13 1.09 18.54
N HIS A 705 9.79 1.77 17.61
CA HIS A 705 10.17 3.16 17.83
C HIS A 705 9.68 4.06 16.70
N LEU A 706 8.41 3.95 16.34
CA LEU A 706 7.87 4.76 15.26
C LEU A 706 7.90 6.23 15.63
N GLN A 707 8.01 7.09 14.60
CA GLN A 707 8.04 8.53 14.78
C GLN A 707 7.07 9.28 13.88
N LYS A 708 6.50 8.63 12.87
CA LYS A 708 5.46 9.23 12.05
C LYS A 708 4.52 8.14 11.60
N VAL A 709 3.28 8.50 11.31
CA VAL A 709 2.27 7.53 10.87
C VAL A 709 1.29 8.24 9.96
N GLU A 710 0.65 7.48 9.08
CA GLU A 710 -0.36 8.03 8.19
C GLU A 710 -1.35 6.92 7.84
N ILE A 711 -2.63 7.28 7.80
CA ILE A 711 -3.69 6.37 7.39
C ILE A 711 -4.56 7.09 6.37
N LYS A 712 -4.91 6.41 5.28
CA LYS A 712 -5.67 7.06 4.22
C LYS A 712 -6.57 6.04 3.54
N ASN A 713 -7.88 6.31 3.57
CA ASN A 713 -8.86 5.54 2.81
C ASN A 713 -8.72 4.04 3.08
N VAL A 714 -8.98 3.67 4.33
CA VAL A 714 -8.96 2.28 4.78
C VAL A 714 -10.38 1.85 5.09
N THR A 715 -10.69 0.59 4.79
CA THR A 715 -11.99 0.02 5.13
C THR A 715 -11.79 -1.31 5.84
N PRO A 716 -12.68 -1.69 6.77
CA PRO A 716 -13.91 -1.01 7.21
C PRO A 716 -13.64 0.25 8.03
N ASP A 717 -14.66 0.84 8.65
CA ASP A 717 -14.51 2.13 9.31
C ASP A 717 -14.20 2.01 10.80
N THR A 718 -14.02 0.80 11.32
CA THR A 718 -13.52 0.66 12.69
C THR A 718 -12.01 0.79 12.75
N ALA A 719 -11.34 0.76 11.60
CA ALA A 719 -9.89 0.83 11.59
C ALA A 719 -9.41 2.13 12.22
N TYR A 720 -10.05 3.25 11.89
CA TYR A 720 -9.61 4.52 12.44
C TYR A 720 -9.73 4.55 13.95
N ARG A 721 -10.85 4.06 14.47
CA ARG A 721 -11.03 4.03 15.92
C ARG A 721 -9.97 3.15 16.58
N ASP A 722 -9.74 1.97 16.02
CA ASP A 722 -8.76 1.08 16.64
C ASP A 722 -7.38 1.70 16.62
N PHE A 723 -7.01 2.34 15.50
CA PHE A 723 -5.69 2.95 15.41
C PHE A 723 -5.56 4.10 16.40
N CYS A 724 -6.59 4.92 16.54
CA CYS A 724 -6.54 5.98 17.54
C CYS A 724 -6.38 5.40 18.94
N LEU A 725 -6.99 4.26 19.22
CA LEU A 725 -6.80 3.64 20.53
C LEU A 725 -5.37 3.15 20.70
N ALA A 726 -4.78 2.56 19.66
CA ALA A 726 -3.49 1.91 19.83
C ALA A 726 -2.35 2.92 20.02
N PHE A 727 -2.49 4.11 19.46
CA PHE A 727 -1.41 5.10 19.47
C PHE A 727 -1.49 6.06 20.65
N ILE A 728 -2.02 5.62 21.78
CA ILE A 728 -2.08 6.47 22.97
C ILE A 728 -0.92 6.12 23.88
N GLY A 729 -0.13 7.12 24.24
CA GLY A 729 1.00 6.91 25.12
C GLY A 729 2.30 6.58 24.44
N LYS A 730 2.30 6.38 23.12
CA LYS A 730 3.55 6.12 22.41
C LYS A 730 4.55 7.22 22.72
N LYS A 731 5.64 6.87 23.40
CA LYS A 731 6.61 7.88 23.80
C LYS A 731 7.25 8.55 22.59
N THR A 732 7.55 7.77 21.54
CA THR A 732 8.30 8.32 20.43
C THR A 732 7.42 9.11 19.46
N LEU A 733 6.13 8.76 19.35
CA LEU A 733 5.29 9.34 18.31
C LEU A 733 5.29 10.86 18.39
N THR A 734 5.46 11.51 17.23
CA THR A 734 5.39 12.96 17.14
C THR A 734 4.62 13.47 15.94
N HIS A 735 4.06 12.61 15.11
CA HIS A 735 3.19 13.02 14.03
C HIS A 735 2.07 12.00 13.90
N LEU A 736 0.98 12.38 13.25
CA LEU A 736 -0.15 11.47 13.10
C LEU A 736 -1.15 12.08 12.14
N THR A 737 -1.70 11.25 11.25
CA THR A 737 -2.62 11.71 10.22
C THR A 737 -3.77 10.73 10.08
N LEU A 738 -4.97 11.24 9.82
CA LEU A 738 -6.14 10.42 9.58
C LEU A 738 -6.98 11.07 8.49
N ALA A 739 -7.42 10.28 7.53
CA ALA A 739 -8.19 10.79 6.41
C ALA A 739 -9.15 9.72 5.92
N GLY A 740 -10.17 10.14 5.20
CA GLY A 740 -11.18 9.22 4.69
C GLY A 740 -12.56 9.80 4.85
N HIS A 741 -13.55 8.91 4.81
CA HIS A 741 -14.95 9.29 5.02
C HIS A 741 -15.45 8.63 6.29
N ILE A 742 -15.70 9.43 7.33
CA ILE A 742 -16.11 8.93 8.63
C ILE A 742 -17.23 9.80 9.17
N GLU A 743 -18.00 9.23 10.10
CA GLU A 743 -18.99 9.96 10.87
C GLU A 743 -18.71 9.72 12.35
N TRP A 744 -18.75 10.80 13.13
CA TRP A 744 -18.27 10.72 14.51
C TRP A 744 -19.25 9.97 15.40
N GLU A 745 -19.11 8.65 15.47
CA GLU A 745 -19.78 7.88 16.51
C GLU A 745 -19.19 8.24 17.86
N ARG A 746 -20.02 8.21 18.90
CA ARG A 746 -19.59 8.66 20.22
C ARG A 746 -18.30 7.98 20.66
N THR A 747 -18.13 6.70 20.31
CA THR A 747 -16.90 6.01 20.69
C THR A 747 -15.68 6.69 20.09
N MET A 748 -15.77 7.07 18.82
CA MET A 748 -14.66 7.76 18.19
C MET A 748 -14.39 9.08 18.88
N MET A 749 -15.43 9.80 19.28
CA MET A 749 -15.21 11.05 20.01
C MET A 749 -14.49 10.80 21.33
N LEU A 750 -14.91 9.77 22.05
CA LEU A 750 -14.22 9.42 23.30
C LEU A 750 -12.74 9.19 23.05
N MET A 751 -12.41 8.34 22.08
CA MET A 751 -11.02 8.00 21.85
C MET A 751 -10.23 9.22 21.38
N LEU A 752 -10.82 10.03 20.49
CA LEU A 752 -10.08 11.15 19.92
C LEU A 752 -9.93 12.30 20.91
N CYS A 753 -10.73 12.33 21.97
CA CYS A 753 -10.46 13.28 23.05
C CYS A 753 -9.46 12.73 24.05
N ASP A 754 -9.54 11.43 24.36
CA ASP A 754 -8.59 10.86 25.30
C ASP A 754 -7.19 10.84 24.72
N LEU A 755 -7.05 10.80 23.40
CA LEU A 755 -5.72 10.80 22.80
C LEU A 755 -4.96 12.08 23.12
N LEU A 756 -5.68 13.17 23.43
CA LEU A 756 -5.06 14.42 23.81
C LEU A 756 -5.10 14.67 25.31
N ARG A 757 -6.06 14.08 26.02
CA ARG A 757 -6.14 14.29 27.46
C ARG A 757 -4.94 13.68 28.18
N ASN A 758 -4.39 12.59 27.63
CA ASN A 758 -3.42 11.79 28.35
C ASN A 758 -2.25 12.65 28.84
N HIS A 759 -1.48 12.09 29.78
CA HIS A 759 -0.33 12.80 30.34
C HIS A 759 1.00 12.35 29.76
N LYS A 760 1.05 11.18 29.11
CA LYS A 760 2.24 10.74 28.39
C LYS A 760 2.34 11.33 27.00
N CYS A 761 1.35 12.10 26.57
CA CYS A 761 1.30 12.56 25.19
C CYS A 761 2.55 13.34 24.84
N ASN A 762 3.08 13.07 23.64
CA ASN A 762 4.23 13.79 23.11
C ASN A 762 3.98 14.28 21.70
N LEU A 763 2.72 14.42 21.31
CA LEU A 763 2.38 14.75 19.94
C LEU A 763 2.88 16.14 19.59
N GLN A 764 3.10 16.37 18.28
CA GLN A 764 3.53 17.68 17.81
C GLN A 764 2.87 18.09 16.50
N TYR A 765 1.94 17.30 15.96
CA TYR A 765 1.30 17.64 14.69
C TYR A 765 0.15 16.67 14.50
N LEU A 766 -1.03 17.17 14.20
CA LEU A 766 -2.22 16.33 14.09
C LEU A 766 -3.08 16.85 12.95
N ARG A 767 -3.56 15.93 12.11
CA ARG A 767 -4.38 16.27 10.97
C ARG A 767 -5.66 15.45 11.00
N LEU A 768 -6.71 15.98 10.41
CA LEU A 768 -8.00 15.31 10.32
C LEU A 768 -8.59 15.56 8.94
N GLY A 769 -9.36 14.60 8.45
CA GLY A 769 -9.97 14.74 7.14
C GLY A 769 -11.28 14.01 7.01
N GLY A 770 -12.27 14.65 6.38
CA GLY A 770 -13.55 14.01 6.14
C GLY A 770 -14.27 13.56 7.39
N HIS A 771 -14.17 14.31 8.47
CA HIS A 771 -14.87 13.99 9.72
C HIS A 771 -16.08 14.91 9.87
N CYS A 772 -17.26 14.31 9.97
CA CYS A 772 -18.50 15.05 10.16
C CYS A 772 -19.01 14.82 11.58
N ALA A 773 -19.36 15.90 12.26
CA ALA A 773 -19.81 15.82 13.64
C ALA A 773 -20.68 17.02 13.96
N THR A 774 -21.45 16.90 15.04
CA THR A 774 -22.34 17.97 15.47
C THR A 774 -21.58 19.01 16.27
N PRO A 775 -22.12 20.23 16.39
CA PRO A 775 -21.42 21.28 17.12
C PRO A 775 -21.12 20.93 18.57
N GLU A 776 -21.89 20.05 19.19
CA GLU A 776 -21.61 19.69 20.59
C GLU A 776 -20.31 18.90 20.71
N GLN A 777 -20.13 17.92 19.83
CA GLN A 777 -18.89 17.15 19.84
C GLN A 777 -17.69 18.04 19.56
N TRP A 778 -17.81 18.94 18.58
CA TRP A 778 -16.72 19.87 18.31
C TRP A 778 -16.44 20.76 19.52
N ALA A 779 -17.50 21.20 20.20
CA ALA A 779 -17.30 22.04 21.37
C ALA A 779 -16.52 21.31 22.44
N GLU A 780 -16.87 20.04 22.70
CA GLU A 780 -16.15 19.31 23.74
C GLU A 780 -14.71 19.00 23.31
N PHE A 781 -14.50 18.73 22.03
CA PHE A 781 -13.14 18.52 21.54
C PHE A 781 -12.29 19.75 21.77
N PHE A 782 -12.77 20.92 21.33
CA PHE A 782 -12.00 22.14 21.50
C PHE A 782 -11.82 22.49 22.97
N TYR A 783 -12.77 22.08 23.82
CA TYR A 783 -12.54 22.22 25.26
C TYR A 783 -11.37 21.35 25.72
N VAL A 784 -11.27 20.14 25.18
CA VAL A 784 -10.18 19.25 25.58
C VAL A 784 -8.85 19.81 25.14
N LEU A 785 -8.80 20.46 23.97
CA LEU A 785 -7.55 21.02 23.49
C LEU A 785 -6.91 21.97 24.49
N LYS A 786 -7.72 22.64 25.31
CA LYS A 786 -7.19 23.66 26.21
C LYS A 786 -6.16 23.10 27.17
N ALA A 787 -6.26 21.82 27.51
CA ALA A 787 -5.36 21.21 28.47
C ALA A 787 -4.06 20.74 27.86
N ASN A 788 -4.06 20.44 26.56
CA ASN A 788 -2.86 19.94 25.91
C ASN A 788 -1.76 20.98 25.96
N GLN A 789 -0.53 20.54 26.24
CA GLN A 789 0.61 21.43 26.31
C GLN A 789 1.76 20.96 25.42
N SER A 790 1.47 20.23 24.35
CA SER A 790 2.48 19.79 23.41
C SER A 790 2.13 20.04 21.96
N LEU A 791 0.85 20.06 21.61
CA LEU A 791 0.48 20.23 20.21
C LEU A 791 0.96 21.60 19.71
N LYS A 792 1.40 21.64 18.46
CA LYS A 792 1.87 22.88 17.86
C LYS A 792 1.22 23.16 16.52
N HIS A 793 0.98 22.13 15.71
CA HIS A 793 0.25 22.27 14.46
C HIS A 793 -1.19 21.81 14.67
N LEU A 794 -2.05 22.14 13.71
CA LEU A 794 -3.40 21.58 13.71
C LEU A 794 -4.02 21.82 12.33
N ARG A 795 -4.30 20.76 11.60
CA ARG A 795 -4.91 20.85 10.29
C ARG A 795 -6.33 20.29 10.32
N LEU A 796 -7.23 20.90 9.56
CA LEU A 796 -8.61 20.49 9.50
C LEU A 796 -9.11 20.50 8.06
N SER A 797 -8.31 19.98 7.14
CA SER A 797 -8.70 20.01 5.73
C SER A 797 -9.85 19.05 5.47
N ALA A 798 -10.83 19.51 4.70
CA ALA A 798 -11.97 18.73 4.21
C ALA A 798 -13.02 18.44 5.27
N ASN A 799 -12.84 18.92 6.50
CA ASN A 799 -13.82 18.74 7.56
C ASN A 799 -14.82 19.88 7.53
N VAL A 800 -16.06 19.59 7.88
CA VAL A 800 -17.13 20.58 7.85
C VAL A 800 -17.19 21.26 9.22
N LEU A 801 -17.03 22.57 9.25
CA LEU A 801 -17.21 23.32 10.48
C LEU A 801 -18.59 23.97 10.53
N LEU A 802 -19.15 24.31 9.37
CA LEU A 802 -20.42 25.02 9.26
C LEU A 802 -20.34 26.42 9.87
N ASP A 803 -19.13 26.89 10.16
CA ASP A 803 -18.84 28.19 10.75
C ASP A 803 -19.21 28.26 12.22
N GLU A 804 -19.99 27.30 12.71
CA GLU A 804 -20.36 27.32 14.12
C GLU A 804 -19.23 26.74 14.96
N GLY A 805 -18.65 25.63 14.51
CA GLY A 805 -17.42 25.15 15.12
C GLY A 805 -16.32 26.19 15.04
N ALA A 806 -16.26 26.92 13.93
CA ALA A 806 -15.24 27.94 13.79
C ALA A 806 -15.41 29.05 14.83
N MET A 807 -16.64 29.55 15.01
CA MET A 807 -16.85 30.59 16.01
C MET A 807 -16.57 30.04 17.41
N LEU A 808 -16.95 28.79 17.69
CA LEU A 808 -16.63 28.20 18.98
C LEU A 808 -15.12 28.15 19.19
N LEU A 809 -14.39 27.75 18.15
CA LEU A 809 -12.94 27.67 18.24
C LEU A 809 -12.35 29.04 18.55
N TYR A 810 -12.77 30.07 17.81
CA TYR A 810 -12.22 31.40 18.04
C TYR A 810 -12.55 31.91 19.43
N LYS A 811 -13.79 31.70 19.87
CA LYS A 811 -14.14 32.12 21.23
C LYS A 811 -13.37 31.33 22.27
N THR A 812 -12.88 30.14 21.92
CA THR A 812 -12.01 29.42 22.84
C THR A 812 -10.60 29.99 22.84
N MET A 813 -10.11 30.44 21.69
CA MET A 813 -8.74 30.95 21.60
C MET A 813 -8.56 32.33 22.22
N THR A 814 -9.64 33.10 22.39
CA THR A 814 -9.47 34.43 22.97
C THR A 814 -8.99 34.38 24.41
N ARG A 815 -9.05 33.20 25.05
CA ARG A 815 -8.58 33.08 26.41
C ARG A 815 -7.08 33.34 26.49
N PRO A 816 -6.57 33.67 27.68
CA PRO A 816 -5.17 34.12 27.77
C PRO A 816 -4.15 33.00 27.91
N LYS A 817 -4.55 31.73 27.95
CA LYS A 817 -3.63 30.65 28.25
C LYS A 817 -3.62 29.55 27.20
N HIS A 818 -4.06 29.83 25.97
CA HIS A 818 -3.98 28.82 24.93
C HIS A 818 -2.54 28.62 24.50
N PHE A 819 -2.30 27.53 23.77
CA PHE A 819 -0.95 27.11 23.44
C PHE A 819 -0.71 26.83 21.96
N LEU A 820 -1.74 26.80 21.12
CA LEU A 820 -1.53 26.55 19.72
C LEU A 820 -0.71 27.68 19.10
N GLN A 821 0.13 27.34 18.12
CA GLN A 821 0.91 28.31 17.36
C GLN A 821 0.51 28.34 15.90
N MET A 822 0.59 27.21 15.20
CA MET A 822 0.07 27.13 13.85
C MET A 822 -1.44 26.90 13.91
N LEU A 823 -2.10 27.12 12.79
CA LEU A 823 -3.52 26.78 12.66
C LEU A 823 -3.91 26.87 11.20
N SER A 824 -4.65 25.87 10.72
CA SER A 824 -5.07 25.83 9.33
C SER A 824 -6.48 25.32 9.25
N LEU A 825 -7.34 26.05 8.55
CA LEU A 825 -8.75 25.72 8.39
C LEU A 825 -9.10 25.50 6.92
N GLU A 826 -8.23 24.80 6.21
CA GLU A 826 -8.36 24.65 4.77
C GLU A 826 -9.71 24.04 4.40
N ASN A 827 -10.48 24.76 3.60
CA ASN A 827 -11.70 24.25 2.99
C ASN A 827 -12.69 23.72 4.04
N CYS A 828 -13.18 24.63 4.87
CA CYS A 828 -14.09 24.29 5.95
C CYS A 828 -15.42 25.02 5.86
N ARG A 829 -15.83 25.38 4.64
CA ARG A 829 -17.12 26.04 4.43
C ARG A 829 -17.19 27.35 5.21
N LEU A 830 -16.27 28.26 4.94
CA LEU A 830 -16.18 29.50 5.68
C LEU A 830 -16.74 30.67 4.87
N THR A 831 -17.20 31.69 5.58
CA THR A 831 -17.74 32.91 4.99
C THR A 831 -17.20 34.10 5.77
N GLU A 832 -17.78 35.28 5.50
CA GLU A 832 -17.34 36.50 6.16
C GLU A 832 -17.96 36.67 7.55
N ALA A 833 -18.89 35.78 7.92
CA ALA A 833 -19.57 35.95 9.20
C ALA A 833 -18.60 35.83 10.37
N SER A 834 -17.68 34.88 10.30
CA SER A 834 -16.81 34.58 11.43
C SER A 834 -15.55 35.42 11.48
N CYS A 835 -15.27 36.21 10.43
CA CYS A 835 -13.99 36.91 10.37
C CYS A 835 -13.81 37.87 11.54
N LYS A 836 -14.90 38.42 12.08
CA LYS A 836 -14.77 39.36 13.17
C LYS A 836 -14.13 38.71 14.41
N ASP A 837 -14.57 37.50 14.74
CA ASP A 837 -13.95 36.79 15.85
C ASP A 837 -12.49 36.48 15.57
N LEU A 838 -12.16 36.22 14.30
CA LEU A 838 -10.76 36.01 13.94
C LEU A 838 -9.94 37.26 14.18
N ALA A 839 -10.49 38.43 13.84
CA ALA A 839 -9.81 39.68 14.13
C ALA A 839 -9.63 39.87 15.64
N ALA A 840 -10.65 39.53 16.42
CA ALA A 840 -10.53 39.60 17.87
C ALA A 840 -9.38 38.72 18.35
N VAL A 841 -9.29 37.50 17.81
CA VAL A 841 -8.22 36.60 18.19
C VAL A 841 -6.86 37.22 17.86
N LEU A 842 -6.74 37.76 16.65
CA LEU A 842 -5.47 38.33 16.23
C LEU A 842 -5.05 39.48 17.14
N VAL A 843 -5.99 40.36 17.49
CA VAL A 843 -5.64 41.50 18.31
C VAL A 843 -5.30 41.08 19.74
N VAL A 844 -6.00 40.07 20.26
CA VAL A 844 -5.81 39.70 21.66
C VAL A 844 -4.72 38.64 21.85
N SER A 845 -4.51 37.76 20.88
CA SER A 845 -3.65 36.60 21.10
C SER A 845 -2.23 37.01 21.46
N LYS A 846 -1.50 36.06 22.04
CA LYS A 846 -0.10 36.24 22.38
C LYS A 846 0.75 35.04 22.02
N LYS A 847 0.21 34.04 21.32
CA LYS A 847 0.96 32.85 20.98
C LYS A 847 0.80 32.51 19.50
N LEU A 848 -0.30 32.93 18.88
CA LEU A 848 -0.53 32.61 17.49
C LEU A 848 0.49 33.30 16.60
N THR A 849 1.17 32.53 15.75
CA THR A 849 2.15 33.11 14.83
C THR A 849 2.13 32.52 13.44
N HIS A 850 1.08 31.82 13.04
CA HIS A 850 0.90 31.39 11.66
C HIS A 850 -0.58 31.23 11.41
N LEU A 851 -0.99 31.15 10.15
CA LEU A 851 -2.39 30.98 9.83
C LEU A 851 -2.53 30.56 8.38
N CYS A 852 -3.68 30.00 8.04
CA CYS A 852 -3.95 29.59 6.67
C CYS A 852 -5.45 29.45 6.46
N LEU A 853 -5.93 29.90 5.31
CA LEU A 853 -7.35 29.87 5.00
C LEU A 853 -7.60 29.50 3.55
N ALA A 854 -6.76 28.66 2.97
CA ALA A 854 -6.89 28.34 1.56
C ALA A 854 -8.23 27.68 1.27
N LYS A 855 -8.74 27.92 0.06
CA LYS A 855 -10.01 27.35 -0.39
C LYS A 855 -11.16 27.78 0.51
N ASN A 856 -11.42 29.08 0.56
CA ASN A 856 -12.55 29.62 1.30
C ASN A 856 -12.96 30.96 0.70
N PRO A 857 -14.13 31.09 0.09
CA PRO A 857 -14.57 32.39 -0.43
C PRO A 857 -15.05 33.32 0.69
N ILE A 858 -14.11 33.69 1.56
CA ILE A 858 -14.48 34.52 2.71
C ILE A 858 -15.01 35.87 2.25
N GLY A 859 -14.37 36.48 1.26
CA GLY A 859 -14.87 37.69 0.65
C GLY A 859 -14.18 38.95 1.15
N ASP A 860 -14.37 40.02 0.38
CA ASP A 860 -13.70 41.28 0.66
C ASP A 860 -14.08 41.83 2.02
N THR A 861 -15.32 41.57 2.48
CA THR A 861 -15.69 42.01 3.81
C THR A 861 -14.88 41.29 4.88
N GLY A 862 -14.66 40.00 4.71
CA GLY A 862 -13.79 39.28 5.63
C GLY A 862 -12.37 39.78 5.59
N VAL A 863 -11.86 40.06 4.39
CA VAL A 863 -10.52 40.64 4.29
C VAL A 863 -10.46 41.97 5.02
N LYS A 864 -11.53 42.77 4.91
CA LYS A 864 -11.59 44.05 5.60
C LYS A 864 -11.55 43.86 7.10
N PHE A 865 -12.30 42.90 7.62
CA PHE A 865 -12.30 42.64 9.06
C PHE A 865 -10.90 42.23 9.52
N LEU A 866 -10.27 41.30 8.80
CA LEU A 866 -8.93 40.88 9.18
C LEU A 866 -7.96 42.04 9.15
N CYS A 867 -8.05 42.89 8.12
CA CYS A 867 -7.14 44.03 8.01
C CYS A 867 -7.34 45.01 9.16
N GLU A 868 -8.60 45.25 9.54
CA GLU A 868 -8.85 46.01 10.76
C GLU A 868 -8.15 45.36 11.95
N GLY A 869 -8.13 44.03 11.96
CA GLY A 869 -7.42 43.35 13.04
C GLY A 869 -5.92 43.60 13.01
N LEU A 870 -5.32 43.51 11.83
CA LEU A 870 -3.87 43.57 11.73
C LEU A 870 -3.32 44.92 12.18
N SER A 871 -4.11 45.98 12.06
CA SER A 871 -3.60 47.33 12.27
C SER A 871 -3.13 47.58 13.71
N TYR A 872 -3.56 46.75 14.65
CA TYR A 872 -3.23 47.03 16.04
C TYR A 872 -1.73 46.94 16.26
N PRO A 873 -1.16 47.77 17.15
CA PRO A 873 0.30 47.75 17.33
C PRO A 873 0.87 46.42 17.76
N ASP A 874 0.17 45.66 18.59
CA ASP A 874 0.74 44.48 19.24
C ASP A 874 0.55 43.19 18.44
N CYS A 875 0.08 43.28 17.20
CA CYS A 875 -0.09 42.07 16.40
C CYS A 875 1.24 41.33 16.26
N LYS A 876 1.18 40.01 16.43
CA LYS A 876 2.38 39.17 16.35
C LYS A 876 2.35 38.17 15.21
N LEU A 877 1.25 38.06 14.50
CA LEU A 877 1.20 37.14 13.36
C LEU A 877 2.30 37.49 12.38
N GLN A 878 3.02 36.46 11.91
CA GLN A 878 4.13 36.66 11.00
C GLN A 878 3.92 36.04 9.63
N THR A 879 2.93 35.18 9.47
CA THR A 879 2.64 34.52 8.21
C THR A 879 1.15 34.55 7.97
N LEU A 880 0.76 34.54 6.70
CA LEU A 880 -0.64 34.55 6.32
C LEU A 880 -0.77 34.00 4.91
N VAL A 881 -1.77 33.16 4.69
CA VAL A 881 -2.00 32.53 3.40
C VAL A 881 -3.45 32.74 3.01
N LEU A 882 -3.67 33.24 1.80
CA LEU A 882 -5.02 33.48 1.28
C LEU A 882 -5.11 32.98 -0.15
N GLN A 883 -4.62 31.77 -0.37
CA GLN A 883 -4.66 31.19 -1.70
C GLN A 883 -6.09 30.78 -2.06
N GLN A 884 -6.55 31.21 -3.23
CA GLN A 884 -7.86 30.83 -3.76
C GLN A 884 -8.97 31.12 -2.75
N CYS A 885 -9.16 32.40 -2.47
CA CYS A 885 -10.17 32.85 -1.51
C CYS A 885 -11.16 33.84 -2.10
N SER A 886 -11.19 33.98 -3.43
CA SER A 886 -12.17 34.83 -4.10
C SER A 886 -12.15 36.25 -3.53
N ILE A 887 -11.03 36.93 -3.72
CA ILE A 887 -10.86 38.31 -3.29
C ILE A 887 -10.79 39.19 -4.53
N THR A 888 -11.29 40.42 -4.40
CA THR A 888 -11.33 41.38 -5.50
C THR A 888 -10.44 42.58 -5.17
N LYS A 889 -10.46 43.57 -6.06
CA LYS A 889 -9.54 44.70 -5.94
C LYS A 889 -9.78 45.48 -4.66
N LEU A 890 -11.01 45.45 -4.15
CA LEU A 890 -11.27 46.09 -2.86
C LEU A 890 -10.46 45.42 -1.75
N GLY A 891 -10.36 44.09 -1.78
CA GLY A 891 -9.51 43.40 -0.84
C GLY A 891 -8.05 43.78 -1.00
N CYS A 892 -7.60 43.97 -2.23
CA CYS A 892 -6.22 44.39 -2.45
C CYS A 892 -5.98 45.78 -1.86
N ARG A 893 -6.93 46.69 -2.05
CA ARG A 893 -6.79 48.02 -1.46
C ARG A 893 -6.72 47.91 0.06
N TYR A 894 -7.56 47.08 0.65
CA TYR A 894 -7.52 46.89 2.09
C TYR A 894 -6.17 46.33 2.54
N LEU A 895 -5.63 45.36 1.79
CA LEU A 895 -4.34 44.79 2.16
C LEU A 895 -3.25 45.83 2.09
N SER A 896 -3.24 46.66 1.05
CA SER A 896 -2.23 47.70 0.95
C SER A 896 -2.36 48.72 2.08
N GLU A 897 -3.59 49.08 2.42
CA GLU A 897 -3.79 50.02 3.52
C GLU A 897 -3.28 49.43 4.84
N ALA A 898 -3.53 48.15 5.06
CA ALA A 898 -3.03 47.50 6.27
C ALA A 898 -1.50 47.44 6.28
N LEU A 899 -0.90 47.07 5.15
CA LEU A 899 0.55 46.94 5.05
C LEU A 899 1.25 48.28 5.16
N GLN A 900 0.58 49.38 4.83
CA GLN A 900 1.23 50.68 4.83
C GLN A 900 1.79 51.05 6.19
N GLU A 901 1.28 50.45 7.26
CA GLU A 901 1.78 50.74 8.60
C GLU A 901 2.91 49.78 8.96
N ALA A 902 3.51 50.01 10.12
CA ALA A 902 4.64 49.21 10.59
C ALA A 902 4.15 47.90 11.21
N CYS A 903 3.64 47.02 10.35
CA CYS A 903 3.17 45.73 10.81
C CYS A 903 4.36 44.77 10.98
N SER A 904 4.04 43.55 11.40
CA SER A 904 5.04 42.51 11.59
C SER A 904 4.97 41.42 10.53
N LEU A 905 4.03 41.51 9.59
CA LEU A 905 3.93 40.52 8.54
C LEU A 905 5.22 40.48 7.74
N THR A 906 5.64 39.27 7.33
CA THR A 906 6.81 39.15 6.47
C THR A 906 6.54 38.22 5.30
N ASN A 907 5.61 37.29 5.45
CA ASN A 907 5.28 36.32 4.42
C ASN A 907 3.82 36.48 4.04
N LEU A 908 3.53 36.43 2.75
CA LEU A 908 2.18 36.57 2.23
C LEU A 908 2.07 35.84 0.92
N ASP A 909 1.03 35.03 0.76
CA ASP A 909 0.89 34.17 -0.40
C ASP A 909 -0.49 34.34 -1.01
N LEU A 910 -0.53 34.77 -2.27
CA LEU A 910 -1.76 34.94 -3.03
C LEU A 910 -1.64 34.17 -4.32
N SER A 911 -2.73 33.51 -4.73
CA SER A 911 -2.73 32.78 -5.99
C SER A 911 -4.17 32.52 -6.40
N ILE A 912 -4.35 32.19 -7.68
CA ILE A 912 -5.68 31.98 -8.26
C ILE A 912 -6.45 33.29 -8.20
N ASN A 913 -6.74 33.77 -7.00
CA ASN A 913 -7.35 35.09 -6.87
C ASN A 913 -6.43 36.13 -7.50
N GLN A 914 -7.02 37.10 -8.18
CA GLN A 914 -6.30 38.00 -9.07
C GLN A 914 -6.23 39.40 -8.50
N ILE A 915 -5.08 40.06 -8.69
CA ILE A 915 -4.83 41.40 -8.19
C ILE A 915 -4.39 42.35 -9.31
N ALA A 916 -4.73 42.05 -10.56
CA ALA A 916 -4.13 42.75 -11.69
C ALA A 916 -4.48 44.23 -11.68
N ARG A 917 -5.76 44.56 -11.61
CA ARG A 917 -6.18 45.96 -11.69
C ARG A 917 -5.61 46.76 -10.52
N GLY A 918 -5.64 46.19 -9.32
CA GLY A 918 -5.08 46.83 -8.15
C GLY A 918 -3.61 46.59 -7.94
N LEU A 919 -2.95 45.92 -8.88
CA LEU A 919 -1.53 45.62 -8.73
C LEU A 919 -0.73 46.88 -8.44
N TRP A 920 -1.10 48.00 -9.06
CA TRP A 920 -0.41 49.25 -8.78
C TRP A 920 -0.58 49.67 -7.33
N ILE A 921 -1.68 49.27 -6.69
CA ILE A 921 -1.88 49.60 -5.28
C ILE A 921 -0.84 48.88 -4.44
N LEU A 922 -0.65 47.58 -4.66
CA LEU A 922 0.35 46.84 -3.92
C LEU A 922 1.76 47.32 -4.27
N CYS A 923 1.98 47.77 -5.50
CA CYS A 923 3.28 48.36 -5.84
C CYS A 923 3.52 49.62 -5.03
N GLN A 924 2.51 50.48 -4.90
CA GLN A 924 2.63 51.65 -4.04
C GLN A 924 2.92 51.24 -2.61
N ALA A 925 2.22 50.20 -2.13
CA ALA A 925 2.47 49.73 -0.77
C ALA A 925 3.91 49.29 -0.60
N LEU A 926 4.45 48.56 -1.59
CA LEU A 926 5.85 48.15 -1.54
C LEU A 926 6.77 49.36 -1.50
N GLU A 927 6.44 50.42 -2.25
CA GLU A 927 7.25 51.62 -2.23
C GLU A 927 7.34 52.23 -0.84
N ASN A 928 6.37 51.97 0.02
CA ASN A 928 6.36 52.57 1.35
C ASN A 928 7.57 52.09 2.15
N PRO A 929 8.33 52.99 2.78
CA PRO A 929 9.46 52.54 3.59
C PRO A 929 9.06 51.69 4.79
N ASN A 930 7.82 51.78 5.24
CA ASN A 930 7.38 51.06 6.43
C ASN A 930 7.13 49.59 6.17
N CYS A 931 7.14 49.14 4.92
CA CYS A 931 6.90 47.73 4.63
C CYS A 931 8.03 46.88 5.16
N ASN A 932 7.71 45.63 5.51
CA ASN A 932 8.70 44.69 5.99
C ASN A 932 8.56 43.32 5.34
N LEU A 933 7.82 43.22 4.24
CA LEU A 933 7.66 41.94 3.58
C LEU A 933 9.01 41.44 3.07
N LYS A 934 9.22 40.13 3.15
CA LYS A 934 10.39 39.49 2.57
C LYS A 934 10.05 38.59 1.40
N HIS A 935 8.87 37.98 1.40
CA HIS A 935 8.44 37.09 0.35
C HIS A 935 7.07 37.53 -0.14
N LEU A 936 6.71 37.09 -1.34
CA LEU A 936 5.44 37.45 -1.93
C LEU A 936 5.20 36.56 -3.15
N ARG A 937 4.07 35.87 -3.17
CA ARG A 937 3.75 34.94 -4.25
C ARG A 937 2.50 35.40 -4.98
N LEU A 938 2.61 35.54 -6.30
CA LEU A 938 1.49 35.94 -7.15
C LEU A 938 1.34 34.95 -8.30
N TRP A 939 1.32 33.67 -7.96
CA TRP A 939 1.19 32.61 -8.95
C TRP A 939 -0.21 32.63 -9.56
N SER A 940 -0.30 32.77 -10.88
CA SER A 940 -1.56 32.72 -11.61
C SER A 940 -2.53 33.79 -11.12
N CYS A 941 -2.13 35.04 -11.33
CA CYS A 941 -2.92 36.20 -10.92
C CYS A 941 -3.46 37.00 -12.10
N SER A 942 -3.44 36.43 -13.31
CA SER A 942 -4.04 37.06 -14.49
C SER A 942 -3.54 38.49 -14.65
N LEU A 943 -2.24 38.62 -14.88
CA LEU A 943 -1.60 39.92 -15.03
C LEU A 943 -1.34 40.23 -16.49
N MET A 944 -1.39 41.52 -16.83
CA MET A 944 -1.20 41.99 -18.19
C MET A 944 0.16 42.70 -18.33
N PRO A 945 0.78 42.65 -19.51
CA PRO A 945 2.12 43.26 -19.63
C PRO A 945 2.16 44.75 -19.35
N PHE A 946 1.03 45.45 -19.49
CA PHE A 946 1.04 46.89 -19.28
C PHE A 946 1.50 47.25 -17.87
N TYR A 947 1.30 46.36 -16.91
CA TYR A 947 1.54 46.69 -15.50
C TYR A 947 2.96 46.35 -15.04
N CYS A 948 3.84 45.91 -15.93
CA CYS A 948 5.20 45.57 -15.52
C CYS A 948 5.95 46.79 -15.01
N GLN A 949 5.56 47.99 -15.45
CA GLN A 949 6.25 49.20 -15.01
C GLN A 949 6.20 49.35 -13.50
N HIS A 950 5.02 49.11 -12.92
CA HIS A 950 4.87 49.30 -11.48
C HIS A 950 5.77 48.34 -10.71
N LEU A 951 5.76 47.06 -11.09
CA LEU A 951 6.61 46.09 -10.40
C LEU A 951 8.08 46.43 -10.56
N GLY A 952 8.48 46.85 -11.77
CA GLY A 952 9.87 47.21 -11.97
C GLY A 952 10.29 48.36 -11.07
N SER A 953 9.47 49.42 -11.01
CA SER A 953 9.81 50.55 -10.16
C SER A 953 9.86 50.14 -8.69
N ALA A 954 8.87 49.36 -8.25
CA ALA A 954 8.86 48.94 -6.85
C ALA A 954 10.10 48.11 -6.52
N LEU A 955 10.46 47.17 -7.38
CA LEU A 955 11.63 46.35 -7.12
C LEU A 955 12.89 47.18 -7.08
N LEU A 956 13.02 48.14 -8.01
CA LEU A 956 14.16 49.04 -7.98
C LEU A 956 14.19 49.91 -6.74
N SER A 957 13.03 50.16 -6.12
CA SER A 957 12.96 51.05 -4.97
C SER A 957 13.08 50.31 -3.64
N ASN A 958 12.45 49.14 -3.51
CA ASN A 958 12.36 48.49 -2.20
C ASN A 958 13.73 48.02 -1.74
N GLN A 959 13.83 47.80 -0.42
CA GLN A 959 15.09 47.45 0.22
C GLN A 959 15.05 46.14 0.98
N LYS A 960 13.87 45.61 1.28
CA LYS A 960 13.74 44.42 2.13
C LYS A 960 13.18 43.20 1.41
N LEU A 961 12.52 43.35 0.27
CA LEU A 961 11.97 42.20 -0.42
C LEU A 961 13.08 41.26 -0.88
N GLU A 962 12.89 39.96 -0.69
CA GLU A 962 13.91 38.98 -1.01
C GLU A 962 13.44 37.82 -1.87
N THR A 963 12.16 37.77 -2.25
CA THR A 963 11.69 36.71 -3.11
C THR A 963 10.34 37.09 -3.69
N LEU A 964 10.18 36.89 -5.00
CA LEU A 964 8.93 37.15 -5.70
C LEU A 964 8.65 35.99 -6.64
N ASP A 965 7.36 35.65 -6.77
CA ASP A 965 6.96 34.46 -7.53
C ASP A 965 5.84 34.84 -8.49
N LEU A 966 6.14 34.81 -9.79
CA LEU A 966 5.18 35.10 -10.84
C LEU A 966 5.05 33.89 -11.75
N GLY A 967 3.82 33.51 -12.06
CA GLY A 967 3.57 32.36 -12.92
C GLY A 967 2.22 32.49 -13.59
N GLN A 968 2.06 31.74 -14.69
CA GLN A 968 0.84 31.69 -15.50
C GLN A 968 0.39 33.07 -15.96
N ASN A 969 1.28 34.05 -16.01
CA ASN A 969 0.90 35.38 -16.47
C ASN A 969 1.16 35.51 -17.97
N HIS A 970 0.55 36.52 -18.57
CA HIS A 970 0.68 36.78 -20.00
C HIS A 970 1.82 37.74 -20.32
N LEU A 971 2.67 38.06 -19.35
CA LEU A 971 3.78 38.97 -19.54
C LEU A 971 5.00 38.26 -20.11
N TRP A 972 4.80 37.15 -20.82
CA TRP A 972 5.90 36.28 -21.18
C TRP A 972 6.92 37.00 -22.05
N LYS A 973 6.46 37.68 -23.11
CA LYS A 973 7.37 38.33 -24.05
C LYS A 973 7.57 39.80 -23.74
N SER A 974 6.51 40.60 -23.84
CA SER A 974 6.65 42.04 -23.56
C SER A 974 6.99 42.27 -22.10
N GLY A 975 6.37 41.52 -21.21
CA GLY A 975 6.67 41.66 -19.80
C GLY A 975 8.11 41.30 -19.47
N ILE A 976 8.60 40.20 -20.05
CA ILE A 976 10.00 39.86 -19.88
C ILE A 976 10.87 41.01 -20.34
N ILE A 977 10.60 41.54 -21.53
CA ILE A 977 11.44 42.60 -22.09
C ILE A 977 11.48 43.79 -21.13
N LYS A 978 10.29 44.25 -20.71
CA LYS A 978 10.23 45.46 -19.90
C LYS A 978 10.84 45.24 -18.51
N LEU A 979 10.52 44.12 -17.86
CA LEU A 979 11.07 43.87 -16.53
C LEU A 979 12.58 43.78 -16.59
N PHE A 980 13.11 43.04 -17.56
CA PHE A 980 14.56 42.89 -17.64
C PHE A 980 15.22 44.22 -17.94
N GLY A 981 14.62 45.03 -18.82
CA GLY A 981 15.18 46.35 -19.08
C GLY A 981 15.20 47.23 -17.85
N VAL A 982 14.10 47.24 -17.11
CA VAL A 982 14.01 48.12 -15.94
C VAL A 982 14.96 47.66 -14.84
N LEU A 983 14.98 46.36 -14.55
CA LEU A 983 15.82 45.84 -13.47
C LEU A 983 17.30 45.90 -13.81
N ARG A 984 17.66 46.17 -15.06
CA ARG A 984 19.07 46.32 -15.43
C ARG A 984 19.71 47.54 -14.79
N GLN A 985 18.92 48.45 -14.22
CA GLN A 985 19.46 49.71 -13.74
C GLN A 985 20.10 49.61 -12.36
N ARG A 986 19.53 48.81 -11.47
CA ARG A 986 19.96 48.77 -10.08
C ARG A 986 20.10 47.32 -9.62
N THR A 987 20.88 47.13 -8.57
CA THR A 987 21.10 45.81 -7.97
C THR A 987 20.31 45.76 -6.66
N GLY A 988 19.05 45.33 -6.76
CA GLY A 988 18.20 45.25 -5.59
C GLY A 988 18.51 44.03 -4.75
N SER A 989 17.93 44.03 -3.54
CA SER A 989 18.19 42.93 -2.62
C SER A 989 17.59 41.62 -3.09
N LEU A 990 16.70 41.66 -4.07
CA LEU A 990 16.01 40.45 -4.50
C LEU A 990 17.01 39.36 -4.84
N LYS A 991 16.74 38.14 -4.34
CA LYS A 991 17.62 37.00 -4.55
C LYS A 991 17.03 35.95 -5.48
N ILE A 992 15.75 35.61 -5.34
CA ILE A 992 15.11 34.59 -6.15
C ILE A 992 13.88 35.21 -6.81
N LEU A 993 13.84 35.15 -8.14
CA LEU A 993 12.71 35.63 -8.92
C LEU A 993 12.28 34.54 -9.88
N ARG A 994 10.99 34.23 -9.89
CA ARG A 994 10.47 33.11 -10.67
C ARG A 994 9.46 33.61 -11.70
N LEU A 995 9.67 33.24 -12.95
CA LEU A 995 8.73 33.55 -14.02
C LEU A 995 9.00 32.63 -15.21
N LYS A 996 8.03 32.57 -16.12
CA LYS A 996 8.09 31.66 -17.25
C LYS A 996 8.64 32.37 -18.48
N THR A 997 9.58 31.72 -19.15
CA THR A 997 10.26 32.32 -20.30
C THR A 997 10.49 31.26 -21.38
N TYR A 998 10.81 31.73 -22.57
CA TYR A 998 11.29 30.90 -23.66
C TYR A 998 12.74 31.28 -23.95
N GLU A 999 13.63 30.28 -23.92
CA GLU A 999 15.05 30.51 -24.10
C GLU A 999 15.47 30.43 -25.57
N THR A 1000 14.52 30.57 -26.49
CA THR A 1000 14.81 30.51 -27.92
C THR A 1000 15.02 31.89 -28.54
N ASN A 1001 14.84 32.96 -27.77
CA ASN A 1001 14.93 34.33 -28.30
C ASN A 1001 16.30 34.91 -27.98
N LEU A 1002 16.93 35.53 -28.98
CA LEU A 1002 18.28 36.06 -28.80
C LEU A 1002 18.27 37.34 -27.95
N GLU A 1003 17.32 38.24 -28.21
CA GLU A 1003 17.29 39.50 -27.47
C GLU A 1003 17.01 39.27 -26.00
N ILE A 1004 16.06 38.38 -25.69
CA ILE A 1004 15.78 38.06 -24.29
C ILE A 1004 17.01 37.44 -23.64
N LYS A 1005 17.72 36.58 -24.37
CA LYS A 1005 18.94 36.00 -23.84
C LYS A 1005 19.98 37.07 -23.54
N LYS A 1006 20.13 38.05 -24.43
CA LYS A 1006 21.10 39.12 -24.20
C LYS A 1006 20.72 39.93 -22.97
N LEU A 1007 19.44 40.27 -22.83
CA LEU A 1007 19.01 41.03 -21.67
C LEU A 1007 19.24 40.26 -20.38
N LEU A 1008 18.91 38.96 -20.39
CA LEU A 1008 19.12 38.13 -19.22
C LEU A 1008 20.60 38.06 -18.86
N GLU A 1009 21.46 37.89 -19.86
CA GLU A 1009 22.89 37.83 -19.60
C GLU A 1009 23.40 39.14 -19.01
N GLU A 1010 22.94 40.27 -19.54
CA GLU A 1010 23.34 41.56 -19.00
C GLU A 1010 22.92 41.70 -17.54
N VAL A 1011 21.66 41.35 -17.26
CA VAL A 1011 21.16 41.48 -15.89
C VAL A 1011 21.96 40.58 -14.95
N LYS A 1012 22.22 39.33 -15.38
CA LYS A 1012 22.97 38.41 -14.54
C LYS A 1012 24.38 38.92 -14.29
N GLU A 1013 25.03 39.46 -15.33
CA GLU A 1013 26.38 40.00 -15.15
C GLU A 1013 26.38 41.15 -14.17
N LYS A 1014 25.41 42.07 -14.29
CA LYS A 1014 25.40 43.21 -13.38
C LYS A 1014 24.85 42.86 -12.01
N ASN A 1015 24.13 41.74 -11.90
CA ASN A 1015 23.56 41.28 -10.62
C ASN A 1015 23.86 39.79 -10.45
N PRO A 1016 25.13 39.43 -10.22
CA PRO A 1016 25.47 38.01 -10.07
C PRO A 1016 24.83 37.34 -8.86
N LYS A 1017 24.37 38.11 -7.88
CA LYS A 1017 23.78 37.55 -6.67
C LYS A 1017 22.29 37.24 -6.84
N LEU A 1018 21.72 37.48 -8.00
CA LEU A 1018 20.31 37.28 -8.25
C LEU A 1018 20.10 36.02 -9.07
N THR A 1019 19.36 35.07 -8.52
CA THR A 1019 18.99 33.85 -9.23
C THR A 1019 17.59 34.02 -9.81
N ILE A 1020 17.45 33.75 -11.10
CA ILE A 1020 16.18 33.90 -11.81
C ILE A 1020 15.76 32.52 -12.31
N ASP A 1021 14.58 32.08 -11.90
CA ASP A 1021 14.01 30.81 -12.33
C ASP A 1021 13.22 31.07 -13.61
N CYS A 1022 13.69 30.50 -14.72
CA CYS A 1022 13.09 30.73 -16.03
C CYS A 1022 12.13 29.63 -16.44
N ASN A 1023 11.77 28.71 -15.55
CA ASN A 1023 10.95 27.56 -15.90
C ASN A 1023 9.74 27.45 -14.97
N ALA A 1024 9.03 28.56 -14.77
CA ALA A 1024 7.87 28.59 -13.88
C ALA A 1024 6.64 27.93 -14.48
N SER A 1025 6.79 27.20 -15.57
CA SER A 1025 5.65 26.56 -16.23
C SER A 1025 4.98 25.49 -15.39
N GLY A 1026 5.61 25.06 -14.28
CA GLY A 1026 5.03 24.03 -13.44
C GLY A 1026 3.61 24.35 -13.02
N ALA A 1027 2.71 23.39 -13.19
CA ALA A 1027 1.30 23.57 -12.89
C ALA A 1027 0.91 23.02 -11.52
N THR A 1028 1.87 22.87 -10.61
CA THR A 1028 1.59 22.48 -9.23
C THR A 1028 1.85 23.68 -8.33
N ALA A 1029 0.83 24.07 -7.58
CA ALA A 1029 0.94 25.26 -6.74
C ALA A 1029 1.76 24.97 -5.48
N PRO A 1030 2.37 25.99 -4.89
CA PRO A 1030 3.04 25.80 -3.61
C PRO A 1030 2.03 25.46 -2.53
N PRO A 1031 2.14 24.30 -1.90
CA PRO A 1031 1.14 23.89 -0.92
C PRO A 1031 1.32 24.63 0.41
N CYS A 1032 0.50 24.24 1.38
CA CYS A 1032 0.51 24.82 2.72
C CYS A 1032 1.32 23.99 3.71
N CYS A 1033 2.06 22.97 3.26
CA CYS A 1033 2.77 22.08 4.18
C CYS A 1033 3.79 22.84 5.00
N ASP A 1034 4.55 23.73 4.37
CA ASP A 1034 5.52 24.55 5.08
C ASP A 1034 4.88 25.54 6.03
N PHE A 1035 3.75 26.15 5.64
CA PHE A 1035 3.17 27.27 6.39
C PHE A 1035 2.29 26.80 7.54
N GLU B 1 -20.30 -21.78 36.69
CA GLU B 1 -20.14 -22.46 35.41
C GLU B 1 -19.30 -21.62 34.46
N ALA B 2 -18.22 -22.21 33.96
CA ALA B 2 -17.29 -21.47 33.11
C ALA B 2 -17.97 -21.06 31.80
N VAL B 3 -17.53 -19.93 31.26
CA VAL B 3 -18.05 -19.39 30.01
C VAL B 3 -16.90 -19.23 29.03
N THR B 4 -17.13 -19.63 27.79
CA THR B 4 -16.10 -19.59 26.75
C THR B 4 -16.21 -18.39 25.83
N ASP B 5 -17.12 -17.46 26.11
CA ASP B 5 -17.30 -16.26 25.30
C ASP B 5 -16.95 -15.05 26.16
N HIS B 6 -16.33 -14.02 25.53
CA HIS B 6 -15.96 -12.80 26.22
C HIS B 6 -16.44 -11.59 25.44
N PRO B 7 -16.70 -10.47 26.12
CA PRO B 7 -17.08 -9.25 25.40
C PRO B 7 -15.90 -8.58 24.73
N ASP B 8 -16.14 -8.02 23.54
CA ASP B 8 -15.09 -7.40 22.75
C ASP B 8 -15.04 -5.89 22.94
N ARG B 9 -15.81 -5.33 23.86
CA ARG B 9 -15.78 -3.89 24.10
C ARG B 9 -16.56 -3.61 25.38
N LEU B 10 -16.33 -2.42 25.93
CA LEU B 10 -17.17 -1.96 27.04
C LEU B 10 -17.15 -0.42 27.02
N TRP B 11 -18.13 0.18 26.36
CA TRP B 11 -18.29 1.62 26.43
C TRP B 11 -18.74 2.02 27.82
N ALA B 12 -18.72 3.33 28.09
CA ALA B 12 -19.20 3.87 29.36
C ALA B 12 -20.41 4.75 29.05
N TRP B 13 -21.59 4.13 28.98
CA TRP B 13 -22.81 4.88 28.75
C TRP B 13 -23.09 5.83 29.90
N GLU B 14 -22.93 5.36 31.13
CA GLU B 14 -23.04 6.19 32.31
C GLU B 14 -21.99 5.73 33.31
N LYS B 15 -21.64 6.61 34.24
CA LYS B 15 -20.72 6.22 35.29
C LYS B 15 -21.26 4.99 36.00
N PHE B 16 -20.42 3.96 36.15
CA PHE B 16 -20.86 2.68 36.69
C PHE B 16 -21.92 2.02 35.81
N VAL B 17 -21.85 2.21 34.50
CA VAL B 17 -22.74 1.52 33.56
C VAL B 17 -21.97 1.26 32.28
N TYR B 18 -21.72 -0.01 31.96
CA TYR B 18 -20.97 -0.38 30.77
C TYR B 18 -21.85 -1.22 29.85
N LEU B 19 -21.77 -0.98 28.55
CA LEU B 19 -22.52 -1.73 27.55
C LEU B 19 -21.56 -2.46 26.62
N ASP B 20 -21.71 -3.77 26.50
CA ASP B 20 -20.82 -4.56 25.66
C ASP B 20 -21.21 -4.36 24.21
N GLU B 21 -20.66 -5.18 23.31
CA GLU B 21 -20.92 -5.01 21.88
C GLU B 21 -22.30 -5.50 21.46
N LYS B 22 -23.05 -6.13 22.35
CA LYS B 22 -24.42 -6.57 22.08
C LYS B 22 -25.45 -5.78 22.87
N GLN B 23 -25.08 -4.57 23.31
CA GLN B 23 -25.99 -3.64 23.99
C GLN B 23 -26.58 -4.23 25.27
N HIS B 24 -25.90 -5.18 25.89
CA HIS B 24 -26.25 -5.63 27.22
C HIS B 24 -25.48 -4.81 28.25
N ALA B 25 -26.07 -4.65 29.43
CA ALA B 25 -25.52 -3.77 30.45
C ALA B 25 -24.75 -4.57 31.50
N TRP B 26 -23.55 -4.10 31.83
CA TRP B 26 -22.74 -4.62 32.92
C TRP B 26 -22.64 -3.56 34.00
N LEU B 27 -22.69 -3.99 35.26
CA LEU B 27 -22.61 -3.06 36.37
C LEU B 27 -21.48 -3.45 37.31
N PRO B 28 -20.57 -2.52 37.65
CA PRO B 28 -19.51 -2.86 38.60
C PRO B 28 -20.03 -2.86 40.04
N LEU B 29 -19.58 -3.85 40.80
CA LEU B 29 -20.05 -4.05 42.17
C LEU B 29 -19.06 -3.52 43.21
N THR B 30 -17.82 -4.01 43.18
CA THR B 30 -16.84 -3.67 44.20
C THR B 30 -15.46 -3.56 43.57
N ILE B 31 -14.58 -2.86 44.27
CA ILE B 31 -13.18 -2.68 43.86
C ILE B 31 -12.29 -3.17 44.99
N GLU B 32 -11.32 -4.01 44.66
CA GLU B 32 -10.39 -4.57 45.62
C GLU B 32 -9.02 -3.92 45.46
N ILE B 33 -8.38 -3.63 46.59
CA ILE B 33 -7.01 -3.11 46.61
C ILE B 33 -6.23 -3.95 47.61
N LYS B 34 -5.16 -4.59 47.14
CA LYS B 34 -4.28 -5.36 48.02
C LYS B 34 -3.02 -4.59 48.36
N ASP B 35 -2.51 -3.80 47.41
CA ASP B 35 -1.37 -2.93 47.63
C ASP B 35 -1.37 -1.87 46.54
N ARG B 36 -0.26 -1.14 46.42
CA ARG B 36 -0.20 -0.03 45.47
C ARG B 36 -0.37 -0.52 44.04
N LEU B 37 0.30 -1.61 43.67
CA LEU B 37 0.35 -2.06 42.29
C LEU B 37 -0.63 -3.18 41.98
N GLN B 38 -1.52 -3.53 42.91
CA GLN B 38 -2.50 -4.60 42.71
C GLN B 38 -3.89 -4.01 42.85
N LEU B 39 -4.67 -4.08 41.77
CA LEU B 39 -6.05 -3.63 41.75
C LEU B 39 -6.89 -4.64 40.99
N ARG B 40 -8.00 -5.07 41.58
CA ARG B 40 -8.86 -6.09 40.99
C ARG B 40 -10.31 -5.63 41.07
N VAL B 41 -10.97 -5.57 39.92
CA VAL B 41 -12.31 -5.01 39.81
C VAL B 41 -13.28 -6.11 39.38
N LEU B 42 -14.51 -6.03 39.89
CA LEU B 42 -15.51 -7.07 39.73
C LEU B 42 -16.71 -6.54 38.96
N LEU B 43 -17.05 -7.20 37.85
CA LEU B 43 -18.15 -6.79 36.99
C LEU B 43 -19.30 -7.77 37.12
N ARG B 44 -20.52 -7.25 37.09
CA ARG B 44 -21.74 -8.07 37.16
C ARG B 44 -22.69 -7.69 36.05
N ARG B 45 -23.47 -8.66 35.59
CA ARG B 45 -24.46 -8.47 34.55
C ARG B 45 -25.82 -8.22 35.16
N GLU B 46 -26.56 -7.27 34.58
CA GLU B 46 -27.92 -6.98 35.02
C GLU B 46 -28.57 -6.09 33.99
N ASP B 47 -29.89 -6.23 33.86
CA ASP B 47 -30.68 -5.47 32.89
C ASP B 47 -31.36 -4.33 33.64
N VAL B 48 -31.04 -3.10 33.24
CA VAL B 48 -31.63 -1.91 33.83
C VAL B 48 -31.94 -0.91 32.72
N VAL B 49 -32.87 -0.01 33.01
CA VAL B 49 -33.21 1.05 32.06
C VAL B 49 -32.01 1.98 31.91
N LEU B 50 -31.90 2.60 30.73
CA LEU B 50 -30.80 3.50 30.42
C LEU B 50 -31.32 4.92 30.29
N GLY B 51 -30.68 5.85 30.96
CA GLY B 51 -30.96 7.26 30.81
C GLY B 51 -30.16 7.87 29.68
N ARG B 52 -30.05 9.18 29.70
CA ARG B 52 -29.28 9.87 28.68
C ARG B 52 -27.81 9.55 28.84
N PRO B 53 -27.04 9.47 27.74
CA PRO B 53 -25.63 9.10 27.87
C PRO B 53 -24.80 10.26 28.41
N MET B 54 -24.30 10.09 29.64
CA MET B 54 -23.47 11.11 30.25
C MET B 54 -22.21 11.30 29.41
N THR B 55 -21.89 12.56 29.12
CA THR B 55 -20.74 12.88 28.29
C THR B 55 -19.45 12.86 29.12
N PRO B 56 -18.29 12.77 28.46
CA PRO B 56 -17.03 12.61 29.21
C PRO B 56 -16.80 13.69 30.25
N THR B 57 -17.17 14.94 29.97
CA THR B 57 -17.01 15.98 30.99
C THR B 57 -17.86 15.70 32.22
N GLN B 58 -19.07 15.17 32.02
CA GLN B 58 -19.95 14.87 33.14
C GLN B 58 -19.46 13.66 33.93
N ILE B 59 -18.83 12.71 33.25
CA ILE B 59 -18.34 11.51 33.94
C ILE B 59 -17.32 11.89 35.01
N GLY B 60 -16.39 12.77 34.66
CA GLY B 60 -15.38 13.23 35.58
C GLY B 60 -14.28 12.21 35.81
N PRO B 61 -13.36 12.52 36.73
CA PRO B 61 -12.28 11.57 37.01
C PRO B 61 -12.80 10.29 37.63
N SER B 62 -12.09 9.19 37.36
CA SER B 62 -12.47 7.89 37.87
C SER B 62 -11.25 6.98 37.86
N LEU B 63 -11.36 5.88 38.61
CA LEU B 63 -10.29 4.89 38.65
C LEU B 63 -10.39 3.87 37.52
N LEU B 64 -11.57 3.62 37.02
CA LEU B 64 -11.75 2.68 35.93
C LEU B 64 -11.64 3.38 34.58
N PRO B 65 -11.29 2.66 33.53
CA PRO B 65 -11.12 3.29 32.21
C PRO B 65 -12.45 3.51 31.51
N ILE B 66 -12.38 4.19 30.38
CA ILE B 66 -13.59 4.49 29.62
C ILE B 66 -13.96 3.34 28.69
N MET B 67 -12.99 2.62 28.13
CA MET B 67 -13.30 1.55 27.19
C MET B 67 -12.22 0.49 27.25
N TRP B 68 -12.63 -0.76 27.39
CA TRP B 68 -11.76 -1.91 27.27
C TRP B 68 -11.78 -2.41 25.83
N GLN B 69 -11.02 -3.45 25.56
CA GLN B 69 -11.06 -4.10 24.25
C GLN B 69 -10.23 -5.38 24.29
N LEU B 70 -10.73 -6.43 23.65
CA LEU B 70 -10.04 -7.71 23.67
C LEU B 70 -8.91 -7.72 22.66
N TYR B 71 -7.77 -8.27 23.07
CA TYR B 71 -6.61 -8.45 22.22
C TYR B 71 -6.23 -9.92 22.23
N PRO B 72 -5.57 -10.41 21.18
CA PRO B 72 -5.18 -11.83 21.17
C PRO B 72 -4.44 -12.21 22.43
N ASP B 73 -4.24 -13.50 22.67
CA ASP B 73 -3.58 -14.01 23.88
C ASP B 73 -4.53 -13.92 25.07
N GLY B 74 -5.66 -13.22 24.93
CA GLY B 74 -6.62 -13.17 26.03
C GLY B 74 -6.31 -12.12 27.06
N ARG B 75 -6.03 -10.90 26.61
CA ARG B 75 -5.76 -9.78 27.48
C ARG B 75 -6.52 -8.56 26.97
N TYR B 76 -6.99 -7.73 27.89
CA TYR B 76 -7.72 -6.52 27.57
C TYR B 76 -6.78 -5.32 27.62
N ARG B 77 -7.00 -4.36 26.73
CA ARG B 77 -6.30 -3.08 26.76
C ARG B 77 -7.28 -1.98 27.10
N SER B 78 -7.05 -1.31 28.24
CA SER B 78 -7.91 -0.21 28.64
C SER B 78 -7.60 1.00 27.79
N SER B 79 -8.19 2.14 28.15
CA SER B 79 -7.96 3.37 27.41
C SER B 79 -6.80 4.19 27.95
N ASP B 80 -6.19 3.77 29.05
CA ASP B 80 -5.02 4.45 29.60
C ASP B 80 -3.72 3.73 29.26
N SER B 81 -3.76 2.80 28.30
CA SER B 81 -2.56 2.12 27.82
C SER B 81 -2.12 0.97 28.72
N SER B 82 -2.85 0.72 29.80
CA SER B 82 -2.51 -0.39 30.67
C SER B 82 -3.28 -1.65 30.29
N PHE B 83 -2.66 -2.80 30.52
CA PHE B 83 -3.23 -4.10 30.18
C PHE B 83 -3.92 -4.71 31.39
N TRP B 84 -5.10 -5.27 31.17
CA TRP B 84 -5.86 -5.94 32.21
C TRP B 84 -5.98 -7.43 31.89
N ARG B 85 -5.80 -8.26 32.91
CA ARG B 85 -5.81 -9.71 32.76
C ARG B 85 -7.15 -10.28 33.19
N LEU B 86 -7.57 -11.35 32.54
CA LEU B 86 -8.83 -12.02 32.85
C LEU B 86 -8.60 -13.07 33.93
N VAL B 87 -9.34 -12.96 35.04
CA VAL B 87 -9.16 -13.88 36.16
C VAL B 87 -10.12 -15.05 35.99
N TYR B 88 -11.43 -14.78 36.01
CA TYR B 88 -12.41 -15.84 35.81
C TYR B 88 -13.72 -15.22 35.35
N HIS B 89 -14.59 -16.09 34.80
CA HIS B 89 -15.85 -15.65 34.22
C HIS B 89 -16.80 -16.84 34.28
N ILE B 90 -17.75 -16.81 35.23
CA ILE B 90 -18.60 -17.96 35.52
C ILE B 90 -20.07 -17.53 35.55
N LYS B 91 -20.94 -18.54 35.52
CA LYS B 91 -22.38 -18.35 35.66
C LYS B 91 -22.84 -19.01 36.95
N ILE B 92 -23.60 -18.27 37.77
CA ILE B 92 -24.17 -18.81 38.99
C ILE B 92 -25.61 -18.30 39.10
N ASP B 93 -26.55 -19.23 39.34
CA ASP B 93 -27.96 -18.89 39.47
C ASP B 93 -28.46 -18.11 38.26
N GLY B 94 -27.89 -18.38 37.09
CA GLY B 94 -28.24 -17.66 35.89
C GLY B 94 -27.71 -16.24 35.82
N VAL B 95 -26.78 -15.87 36.71
CA VAL B 95 -26.25 -14.52 36.78
C VAL B 95 -24.82 -14.54 36.27
N GLU B 96 -24.51 -13.66 35.31
CA GLU B 96 -23.17 -13.56 34.76
C GLU B 96 -22.30 -12.70 35.67
N ASP B 97 -21.03 -13.09 35.81
CA ASP B 97 -20.07 -12.38 36.64
C ASP B 97 -18.69 -12.48 35.99
N MET B 98 -17.86 -11.46 36.22
CA MET B 98 -16.51 -11.41 35.68
C MET B 98 -15.60 -10.65 36.64
N LEU B 99 -14.32 -11.03 36.63
CA LEU B 99 -13.31 -10.42 37.49
C LEU B 99 -12.08 -10.08 36.65
N LEU B 100 -11.56 -8.87 36.81
CA LEU B 100 -10.42 -8.39 36.05
C LEU B 100 -9.38 -7.78 36.98
N GLU B 101 -8.11 -7.83 36.55
CA GLU B 101 -6.98 -7.38 37.36
C GLU B 101 -6.13 -6.43 36.54
N LEU B 102 -5.31 -5.63 37.24
CA LEU B 102 -4.43 -4.66 36.61
C LEU B 102 -2.99 -5.18 36.68
N LEU B 103 -2.43 -5.51 35.52
CA LEU B 103 -1.07 -6.03 35.45
C LEU B 103 -0.06 -4.91 35.65
N PRO B 104 1.11 -5.21 36.23
CA PRO B 104 2.13 -4.18 36.36
C PRO B 104 2.58 -3.67 35.00
N ASP B 105 2.85 -2.37 34.93
CA ASP B 105 3.30 -1.77 33.69
C ASP B 105 4.64 -2.36 33.27
N ASP B 106 4.74 -2.71 31.99
CA ASP B 106 5.95 -3.34 31.48
C ASP B 106 7.10 -2.34 31.47
N GLU C 1 -13.25 -3.29 69.65
CA GLU C 1 -14.25 -2.45 70.28
C GLU C 1 -14.26 -1.05 69.64
N ALA C 2 -15.39 -0.37 69.74
CA ALA C 2 -15.48 0.97 69.19
C ALA C 2 -14.52 1.92 69.91
N VAL C 3 -13.97 2.87 69.16
CA VAL C 3 -13.00 3.83 69.69
C VAL C 3 -13.54 5.23 69.41
N THR C 4 -13.59 6.06 70.45
CA THR C 4 -14.13 7.41 70.31
C THR C 4 -13.21 8.29 69.47
N ASP C 5 -11.90 8.17 69.66
CA ASP C 5 -10.96 9.03 68.95
C ASP C 5 -11.11 8.86 67.45
N HIS C 6 -10.58 9.83 66.71
CA HIS C 6 -10.60 9.79 65.25
C HIS C 6 -9.69 10.90 64.74
N PRO C 7 -9.05 10.70 63.58
CA PRO C 7 -8.25 11.78 63.00
C PRO C 7 -9.10 13.01 62.73
N ASP C 8 -8.54 14.18 63.04
CA ASP C 8 -9.22 15.43 62.70
C ASP C 8 -9.13 15.71 61.21
N ARG C 9 -7.95 15.55 60.62
CA ARG C 9 -7.72 15.77 59.21
C ARG C 9 -6.86 14.65 58.65
N LEU C 10 -6.98 14.43 57.35
CA LEU C 10 -6.19 13.43 56.64
C LEU C 10 -5.63 14.03 55.37
N TRP C 11 -4.37 13.73 55.08
CA TRP C 11 -3.69 14.22 53.89
C TRP C 11 -3.04 13.05 53.17
N ALA C 12 -3.01 13.12 51.84
CA ALA C 12 -2.44 12.06 51.02
C ALA C 12 -0.93 12.27 50.89
N TRP C 13 -0.16 11.24 51.24
CA TRP C 13 1.30 11.31 51.18
C TRP C 13 1.87 10.62 49.94
N GLU C 14 1.25 9.52 49.51
CA GLU C 14 1.72 8.77 48.36
C GLU C 14 0.50 8.31 47.57
N LYS C 15 0.71 7.36 46.67
CA LYS C 15 -0.39 6.76 45.93
C LYS C 15 -1.10 5.74 46.80
N PHE C 16 -2.33 6.04 47.19
CA PHE C 16 -3.12 5.15 48.05
C PHE C 16 -2.50 5.04 49.44
N VAL C 17 -2.12 6.17 50.01
CA VAL C 17 -1.66 6.24 51.40
C VAL C 17 -1.98 7.64 51.93
N TYR C 18 -2.47 7.70 53.16
CA TYR C 18 -2.84 8.96 53.79
C TYR C 18 -2.14 9.10 55.12
N LEU C 19 -2.09 10.35 55.62
CA LEU C 19 -1.52 10.65 56.92
C LEU C 19 -2.44 11.60 57.67
N ASP C 20 -2.57 11.38 58.97
CA ASP C 20 -3.39 12.22 59.82
C ASP C 20 -2.50 13.18 60.60
N GLU C 21 -3.12 14.01 61.45
CA GLU C 21 -2.33 14.93 62.26
C GLU C 21 -1.35 14.18 63.15
N LYS C 22 -1.73 13.00 63.63
CA LYS C 22 -0.81 12.15 64.36
C LYS C 22 0.25 11.54 63.45
N GLN C 23 0.04 11.56 62.14
CA GLN C 23 0.93 11.00 61.14
C GLN C 23 0.83 9.48 61.08
N HIS C 24 -0.22 8.89 61.63
CA HIS C 24 -0.48 7.47 61.42
C HIS C 24 -0.78 7.20 59.95
N ALA C 25 -0.36 6.05 59.47
CA ALA C 25 -0.58 5.67 58.08
C ALA C 25 -1.91 4.95 57.95
N TRP C 26 -2.87 5.60 57.29
CA TRP C 26 -4.17 5.03 56.99
C TRP C 26 -4.23 4.74 55.50
N LEU C 27 -4.64 3.51 55.14
CA LEU C 27 -4.65 3.09 53.76
C LEU C 27 -6.04 2.59 53.35
N PRO C 28 -6.41 2.72 52.08
CA PRO C 28 -7.67 2.13 51.62
C PRO C 28 -7.47 0.68 51.17
N LEU C 29 -8.39 -0.19 51.60
CA LEU C 29 -8.32 -1.61 51.30
C LEU C 29 -9.37 -2.06 50.30
N THR C 30 -10.60 -1.56 50.41
CA THR C 30 -11.67 -1.96 49.51
C THR C 30 -12.63 -0.79 49.33
N ILE C 31 -13.29 -0.75 48.18
CA ILE C 31 -14.28 0.25 47.86
C ILE C 31 -15.55 -0.44 47.43
N GLU C 32 -16.67 -0.07 48.04
CA GLU C 32 -17.97 -0.66 47.77
C GLU C 32 -18.90 0.42 47.24
N ILE C 33 -19.54 0.14 46.10
CA ILE C 33 -20.40 1.10 45.42
C ILE C 33 -21.75 0.45 45.18
N LYS C 34 -22.83 1.16 45.51
CA LYS C 34 -24.19 0.76 45.21
C LYS C 34 -24.85 1.66 44.18
N ASP C 35 -24.43 2.92 44.10
CA ASP C 35 -24.85 3.84 43.06
C ASP C 35 -24.08 5.13 43.24
N ARG C 36 -24.31 6.09 42.34
CA ARG C 36 -23.53 7.31 42.35
C ARG C 36 -23.57 7.99 43.72
N LEU C 37 -24.76 8.15 44.27
CA LEU C 37 -24.90 8.83 45.55
C LEU C 37 -24.55 7.93 46.74
N GLN C 38 -24.42 6.62 46.53
CA GLN C 38 -24.08 5.67 47.59
C GLN C 38 -22.71 5.09 47.26
N LEU C 39 -21.69 5.56 47.97
CA LEU C 39 -20.31 5.13 47.79
C LEU C 39 -19.67 4.93 49.15
N ARG C 40 -18.99 3.79 49.32
CA ARG C 40 -18.37 3.44 50.59
C ARG C 40 -16.92 3.05 50.35
N VAL C 41 -16.06 3.39 51.31
CA VAL C 41 -14.63 3.08 51.26
C VAL C 41 -14.20 2.63 52.65
N LEU C 42 -13.25 1.71 52.70
CA LEU C 42 -12.76 1.13 53.95
C LEU C 42 -11.34 1.61 54.20
N LEU C 43 -11.02 1.86 55.47
CA LEU C 43 -9.70 2.32 55.88
C LEU C 43 -9.15 1.39 56.96
N ARG C 44 -7.83 1.24 56.98
CA ARG C 44 -7.15 0.47 58.01
C ARG C 44 -5.83 1.15 58.37
N ARG C 45 -5.41 0.97 59.61
CA ARG C 45 -4.15 1.53 60.10
C ARG C 45 -3.08 0.45 60.06
N GLU C 46 -2.02 0.70 59.29
CA GLU C 46 -0.88 -0.19 59.23
C GLU C 46 0.39 0.65 59.34
N ASP C 47 1.48 -0.02 59.74
CA ASP C 47 2.79 0.62 59.87
C ASP C 47 3.62 0.29 58.64
N VAL C 48 4.03 1.31 57.89
CA VAL C 48 4.84 1.15 56.69
C VAL C 48 5.78 2.34 56.58
N VAL C 49 6.86 2.14 55.80
CA VAL C 49 7.85 3.18 55.59
C VAL C 49 7.33 4.17 54.56
N LEU C 50 7.43 5.46 54.87
CA LEU C 50 6.98 6.50 53.97
C LEU C 50 8.13 6.96 53.08
N GLY C 51 7.87 7.04 51.78
CA GLY C 51 8.81 7.57 50.82
C GLY C 51 8.67 9.07 50.70
N ARG C 52 9.24 9.60 49.62
CA ARG C 52 9.09 11.03 49.36
C ARG C 52 7.62 11.36 49.12
N PRO C 53 7.18 12.56 49.47
CA PRO C 53 5.76 12.90 49.26
C PRO C 53 5.45 13.02 47.78
N MET C 54 4.71 12.04 47.26
CA MET C 54 4.32 12.06 45.85
C MET C 54 3.34 13.20 45.64
N THR C 55 3.81 14.30 45.04
CA THR C 55 2.98 15.48 44.94
C THR C 55 1.74 15.18 44.11
N PRO C 56 0.61 15.85 44.40
CA PRO C 56 -0.65 15.47 43.77
C PRO C 56 -0.59 15.32 42.26
N THR C 57 0.28 16.08 41.58
CA THR C 57 0.36 15.96 40.13
C THR C 57 0.75 14.56 39.70
N GLN C 58 1.66 13.93 40.45
CA GLN C 58 2.12 12.59 40.09
C GLN C 58 1.10 11.53 40.48
N ILE C 59 0.37 11.75 41.58
CA ILE C 59 -0.64 10.77 42.01
C ILE C 59 -1.68 10.58 40.91
N GLY C 60 -2.06 11.66 40.24
CA GLY C 60 -2.99 11.58 39.14
C GLY C 60 -4.43 11.60 39.61
N PRO C 61 -5.36 11.72 38.67
CA PRO C 61 -6.78 11.73 39.04
C PRO C 61 -7.17 10.42 39.72
N SER C 62 -8.07 10.53 40.70
CA SER C 62 -8.51 9.37 41.47
C SER C 62 -9.92 9.61 41.97
N LEU C 63 -10.60 8.50 42.30
CA LEU C 63 -11.93 8.61 42.90
C LEU C 63 -11.85 9.17 44.30
N LEU C 64 -10.76 8.95 45.02
CA LEU C 64 -10.59 9.48 46.36
C LEU C 64 -10.01 10.89 46.30
N PRO C 65 -10.32 11.74 47.27
CA PRO C 65 -9.82 13.12 47.25
C PRO C 65 -8.39 13.20 47.77
N ILE C 66 -7.88 14.43 47.81
CA ILE C 66 -6.53 14.66 48.33
C ILE C 66 -6.56 14.97 49.82
N MET C 67 -7.69 15.38 50.37
CA MET C 67 -7.79 15.74 51.78
C MET C 67 -9.15 15.33 52.30
N TRP C 68 -9.19 14.89 53.56
CA TRP C 68 -10.43 14.49 54.22
C TRP C 68 -10.51 15.20 55.56
N GLN C 69 -11.67 15.81 55.83
CA GLN C 69 -11.89 16.57 57.04
C GLN C 69 -13.03 15.95 57.84
N LEU C 70 -13.02 16.20 59.14
CA LEU C 70 -13.99 15.63 60.07
C LEU C 70 -14.64 16.76 60.86
N TYR C 71 -15.96 16.70 61.00
CA TYR C 71 -16.73 17.68 61.73
C TYR C 71 -17.74 16.97 62.62
N PRO C 72 -18.20 17.63 63.68
CA PRO C 72 -19.21 16.99 64.54
C PRO C 72 -20.49 16.68 63.76
N ASP C 73 -21.39 15.96 64.43
CA ASP C 73 -22.65 15.52 63.84
C ASP C 73 -22.43 14.59 62.65
N GLY C 74 -21.34 13.82 62.66
CA GLY C 74 -21.06 12.91 61.55
C GLY C 74 -20.88 13.62 60.23
N ARG C 75 -20.20 14.77 60.23
CA ARG C 75 -19.97 15.57 59.04
C ARG C 75 -18.48 15.55 58.70
N TYR C 76 -18.16 15.07 57.50
CA TYR C 76 -16.80 15.05 56.98
C TYR C 76 -16.75 15.94 55.75
N ARG C 77 -15.68 16.71 55.62
CA ARG C 77 -15.49 17.60 54.47
C ARG C 77 -14.27 17.13 53.68
N SER C 78 -14.44 16.98 52.37
CA SER C 78 -13.34 16.58 51.51
C SER C 78 -12.76 17.79 50.79
N SER C 79 -11.68 17.55 50.04
CA SER C 79 -11.07 18.63 49.28
C SER C 79 -12.01 19.19 48.24
N ASP C 80 -12.79 18.32 47.58
CA ASP C 80 -13.74 18.73 46.55
C ASP C 80 -15.06 19.22 47.12
N SER C 81 -15.11 19.56 48.42
CA SER C 81 -16.26 20.15 49.09
C SER C 81 -17.41 19.17 49.27
N SER C 82 -17.19 17.87 49.00
CA SER C 82 -18.23 16.88 49.24
C SER C 82 -18.27 16.51 50.72
N PHE C 83 -19.38 15.88 51.12
CA PHE C 83 -19.60 15.50 52.50
C PHE C 83 -19.58 13.98 52.63
N TRP C 84 -19.02 13.51 53.75
CA TRP C 84 -18.95 12.09 54.04
C TRP C 84 -19.38 11.84 55.48
N ARG C 85 -19.74 10.58 55.77
CA ARG C 85 -20.21 10.16 57.07
C ARG C 85 -19.39 8.97 57.56
N LEU C 86 -19.25 8.84 58.87
CA LEU C 86 -18.55 7.72 59.48
C LEU C 86 -19.58 6.72 59.99
N VAL C 87 -19.38 5.43 59.68
CA VAL C 87 -20.31 4.40 60.12
C VAL C 87 -19.84 3.76 61.42
N TYR C 88 -18.60 3.26 61.42
CA TYR C 88 -18.04 2.66 62.63
C TYR C 88 -16.54 2.89 62.66
N HIS C 89 -16.01 2.97 63.87
CA HIS C 89 -14.56 3.00 64.09
C HIS C 89 -14.31 2.04 65.24
N ILE C 90 -13.67 0.90 64.94
CA ILE C 90 -13.47 -0.15 65.94
C ILE C 90 -12.02 -0.62 65.88
N LYS C 91 -11.61 -1.29 66.94
CA LYS C 91 -10.31 -1.97 67.01
C LYS C 91 -10.57 -3.39 67.45
N ILE C 92 -10.06 -4.36 66.69
CA ILE C 92 -10.23 -5.78 66.99
C ILE C 92 -8.90 -6.48 66.75
N ASP C 93 -8.43 -7.21 67.76
CA ASP C 93 -7.20 -7.98 67.64
C ASP C 93 -6.02 -7.09 67.26
N GLY C 94 -6.05 -5.84 67.69
CA GLY C 94 -4.95 -4.92 67.49
C GLY C 94 -4.98 -4.12 66.20
N VAL C 95 -5.94 -4.35 65.31
CA VAL C 95 -6.03 -3.61 64.06
C VAL C 95 -7.18 -2.61 64.17
N GLU C 96 -6.90 -1.37 63.76
CA GLU C 96 -7.89 -0.30 63.81
C GLU C 96 -8.43 -0.08 62.40
N ASP C 97 -9.76 0.02 62.29
CA ASP C 97 -10.43 0.14 61.01
C ASP C 97 -11.47 1.25 61.08
N MET C 98 -11.77 1.85 59.93
CA MET C 98 -12.76 2.92 59.84
C MET C 98 -13.49 2.77 58.51
N LEU C 99 -14.78 3.14 58.51
CA LEU C 99 -15.62 3.06 57.32
C LEU C 99 -16.21 4.43 57.02
N LEU C 100 -16.17 4.83 55.76
CA LEU C 100 -16.71 6.10 55.31
C LEU C 100 -17.94 5.84 54.45
N GLU C 101 -18.69 6.91 54.18
CA GLU C 101 -19.90 6.83 53.35
C GLU C 101 -20.06 8.14 52.60
N LEU C 102 -20.88 8.10 51.55
CA LEU C 102 -21.20 9.28 50.77
C LEU C 102 -22.67 9.61 50.92
N LEU C 103 -22.98 10.90 51.14
CA LEU C 103 -24.32 11.36 51.41
C LEU C 103 -24.85 12.18 50.24
N PRO C 104 -26.02 11.87 49.70
CA PRO C 104 -26.54 12.65 48.57
C PRO C 104 -26.77 14.10 48.96
N ASP C 105 -26.60 14.99 47.99
CA ASP C 105 -26.78 16.42 48.21
C ASP C 105 -28.20 16.71 48.67
#